data_4K3L
#
_entry.id   4K3L
#
_cell.length_a   79.845
_cell.length_b   67.464
_cell.length_c   81.369
_cell.angle_alpha   90.000
_cell.angle_beta   113.730
_cell.angle_gamma   90.000
#
_symmetry.space_group_name_H-M   'P 1 21 1'
#
loop_
_entity.id
_entity.type
_entity.pdbx_description
1 polymer 'DNA polymerase III subunit beta'
2 non-polymer LEUCINE
3 non-polymer PHENYLALANINE
4 non-polymer 'CALCIUM ION'
5 non-polymer DI(HYDROXYETHYL)ETHER
6 non-polymer 'ACETYL GROUP'
7 non-polymer 'TRIETHYLENE GLYCOL'
8 non-polymer 1,2-ETHANEDIOL
9 non-polymer 'CHLORIDE ION'
10 water water
#
_entity_poly.entity_id   1
_entity_poly.type   'polypeptide(L)'
_entity_poly.pdbx_seq_one_letter_code
;MKFTVEREHLLKPLQQVSGPLGGRPTLPILGNLLLQVADGTLSLTGTDLEMEMVARVALVQPHEPGATTVPARKFFDICR
GLPEGAEIAVQLEGERMLVRSGRSRFSLSTLPAADFPNLDDWQSEVEFTLPQATMKRLIEATQFSMAHQDVRYYLNGMLF
ETEGEELRTVATDGHRLAVCSMPIGQSLPSHSVIVPRKGVIELMRMLDGGDNPLRVQIGSNNIRAHVGDFIFTSKLVDGR
FPDYRRVLPKNPDKHLEAGCDLLKQAFARAAILSNEKFRGVRLYVSENQLKITANNPEQEEAEEILDVTYSGAEMEIGFN
VSYVLDVLNALKCENVRMMLTDSVSSVQIEDAASQSAAYVVMPMRL
;
_entity_poly.pdbx_strand_id   A,B
#
# COMPACT_ATOMS: atom_id res chain seq x y z
N MET A 1 27.52 29.73 3.79
CA MET A 1 26.67 28.86 4.66
C MET A 1 27.34 27.50 4.80
N LYS A 2 27.56 27.07 6.04
CA LYS A 2 28.18 25.77 6.32
C LYS A 2 27.61 25.20 7.62
N PHE A 3 27.34 23.90 7.63
CA PHE A 3 26.98 23.21 8.86
C PHE A 3 27.33 21.75 8.76
N THR A 4 27.51 21.13 9.92
CA THR A 4 27.72 19.70 9.99
C THR A 4 26.83 19.18 11.08
N VAL A 5 25.95 18.24 10.72
CA VAL A 5 24.98 17.72 11.66
CA VAL A 5 24.93 17.73 11.63
C VAL A 5 24.79 16.22 11.48
N GLU A 6 24.43 15.55 12.57
CA GLU A 6 24.14 14.13 12.54
CA GLU A 6 24.17 14.11 12.51
C GLU A 6 22.89 13.88 11.71
N ARG A 7 22.94 12.86 10.86
CA ARG A 7 21.80 12.44 10.06
C ARG A 7 20.52 12.39 10.86
N GLU A 8 20.60 11.81 12.06
CA GLU A 8 19.41 11.54 12.85
C GLU A 8 18.74 12.82 13.39
N HIS A 9 19.49 13.91 13.45
CA HIS A 9 18.91 15.21 13.82
C HIS A 9 18.28 15.91 12.62
N LEU A 10 18.54 15.43 11.42
CA LEU A 10 18.02 16.04 10.19
CA LEU A 10 18.04 16.04 10.19
C LEU A 10 16.79 15.34 9.63
N LEU A 11 16.67 14.04 9.87
CA LEU A 11 15.61 13.22 9.26
C LEU A 11 14.20 13.69 9.51
N LYS A 12 13.80 13.78 10.78
CA LYS A 12 12.44 14.18 11.13
C LYS A 12 12.15 15.61 10.66
N PRO A 13 13.08 16.56 10.92
CA PRO A 13 12.88 17.89 10.36
C PRO A 13 12.65 17.90 8.85
N LEU A 14 13.50 17.19 8.10
CA LEU A 14 13.34 17.10 6.65
C LEU A 14 12.02 16.47 6.26
N GLN A 15 11.62 15.41 6.96
CA GLN A 15 10.33 14.77 6.72
C GLN A 15 9.17 15.73 6.94
N GLN A 16 9.24 16.51 8.02
CA GLN A 16 8.15 17.42 8.39
C GLN A 16 8.02 18.60 7.43
N VAL A 17 9.13 19.13 6.96
CA VAL A 17 9.08 20.30 6.06
C VAL A 17 8.88 19.88 4.60
N SER A 18 9.14 18.62 4.28
CA SER A 18 8.91 18.08 2.93
C SER A 18 7.49 17.53 2.82
N PRO A 28 8.67 26.44 -9.47
CA PRO A 28 9.74 25.52 -9.12
C PRO A 28 10.22 25.66 -7.67
N ILE A 29 10.34 26.89 -7.18
CA ILE A 29 10.90 27.14 -5.84
C ILE A 29 10.03 26.54 -4.73
N LEU A 30 8.76 26.28 -4.99
CA LEU A 30 7.89 25.61 -4.01
C LEU A 30 8.27 24.16 -3.80
N GLY A 31 9.05 23.60 -4.73
CA GLY A 31 9.64 22.29 -4.55
C GLY A 31 10.94 22.30 -3.74
N ASN A 32 11.39 23.48 -3.34
CA ASN A 32 12.64 23.62 -2.61
C ASN A 32 12.41 23.88 -1.13
N LEU A 33 13.43 23.59 -0.33
CA LEU A 33 13.44 23.95 1.08
C LEU A 33 14.33 25.14 1.28
N LEU A 34 13.88 26.09 2.07
CA LEU A 34 14.71 27.20 2.52
C LEU A 34 15.57 26.73 3.69
N LEU A 35 16.89 26.82 3.53
CA LEU A 35 17.83 26.54 4.61
C LEU A 35 18.49 27.82 5.07
N GLN A 36 18.51 28.07 6.38
CA GLN A 36 19.11 29.27 6.94
C GLN A 36 19.95 28.90 8.14
N VAL A 37 21.24 29.24 8.11
CA VAL A 37 22.09 29.12 9.29
C VAL A 37 22.19 30.53 9.85
N ALA A 38 21.73 30.69 11.08
CA ALA A 38 21.75 31.99 11.74
C ALA A 38 21.84 31.73 13.21
N ASP A 39 22.69 32.51 13.89
CA ASP A 39 22.99 32.29 15.30
C ASP A 39 23.33 30.82 15.53
N GLY A 40 22.73 30.16 16.51
CA GLY A 40 23.11 28.77 16.77
C GLY A 40 22.22 27.73 16.11
N THR A 41 21.60 28.08 14.99
CA THR A 41 20.45 27.32 14.53
C THR A 41 20.42 27.17 13.01
N LEU A 42 20.07 25.97 12.55
CA LEU A 42 19.67 25.73 11.18
C LEU A 42 18.15 25.70 11.15
N SER A 43 17.58 26.56 10.32
CA SER A 43 16.14 26.55 10.06
C SER A 43 15.86 25.97 8.69
N LEU A 44 14.85 25.12 8.63
CA LEU A 44 14.40 24.52 7.38
C LEU A 44 12.95 24.89 7.20
N THR A 45 12.61 25.46 6.05
CA THR A 45 11.22 25.82 5.78
C THR A 45 10.73 25.23 4.46
N GLY A 46 9.53 24.68 4.50
CA GLY A 46 8.81 24.25 3.29
C GLY A 46 7.48 24.98 3.21
N THR A 47 7.03 25.27 2.00
CA THR A 47 5.74 25.95 1.80
C THR A 47 5.08 25.54 0.49
N ASP A 48 3.76 25.73 0.42
CA ASP A 48 3.03 25.64 -0.85
C ASP A 48 2.19 26.90 -1.10
N LEU A 49 2.54 27.99 -0.40
CA LEU A 49 1.82 29.27 -0.41
C LEU A 49 0.55 29.32 0.46
N GLU A 50 -0.03 28.16 0.77
CA GLU A 50 -1.21 28.10 1.64
C GLU A 50 -0.82 27.78 3.07
N MET A 51 0.27 27.05 3.23
CA MET A 51 0.77 26.73 4.56
C MET A 51 2.26 26.59 4.52
N GLU A 52 2.90 26.64 5.68
CA GLU A 52 4.33 26.44 5.76
C GLU A 52 4.71 25.73 7.05
N MET A 53 5.82 25.02 7.00
CA MET A 53 6.37 24.34 8.15
C MET A 53 7.81 24.77 8.32
N VAL A 54 8.16 25.19 9.53
CA VAL A 54 9.50 25.62 9.86
C VAL A 54 10.06 24.71 10.95
N ALA A 55 11.23 24.13 10.71
CA ALA A 55 11.92 23.31 11.71
C ALA A 55 13.21 24.01 12.11
N ARG A 56 13.51 24.00 13.41
CA ARG A 56 14.77 24.54 13.93
C ARG A 56 15.63 23.40 14.47
N VAL A 57 16.90 23.41 14.08
CA VAL A 57 17.86 22.42 14.54
C VAL A 57 19.07 23.14 15.14
N ALA A 58 19.36 22.86 16.41
CA ALA A 58 20.52 23.42 17.08
C ALA A 58 21.79 22.91 16.42
N LEU A 59 22.74 23.82 16.19
CA LEU A 59 24.03 23.49 15.60
C LEU A 59 25.11 23.55 16.67
N VAL A 60 25.53 22.36 17.12
CA VAL A 60 26.53 22.25 18.18
C VAL A 60 27.94 22.12 17.62
N GLN A 61 28.06 21.89 16.31
CA GLN A 61 29.35 21.79 15.65
C GLN A 61 29.61 23.11 14.91
N PRO A 62 30.88 23.38 14.53
CA PRO A 62 31.19 24.62 13.84
C PRO A 62 30.29 24.84 12.63
N HIS A 63 29.91 26.09 12.43
CA HIS A 63 28.98 26.45 11.36
C HIS A 63 29.26 27.88 10.92
N GLU A 64 28.75 28.23 9.75
CA GLU A 64 28.88 29.55 9.18
C GLU A 64 27.54 30.00 8.65
N PRO A 65 27.18 31.27 8.84
CA PRO A 65 25.85 31.74 8.51
C PRO A 65 25.60 31.87 7.02
N GLY A 66 24.32 31.85 6.65
CA GLY A 66 23.90 32.07 5.28
C GLY A 66 22.63 31.30 4.97
N ALA A 67 22.10 31.52 3.78
CA ALA A 67 20.84 30.93 3.38
C ALA A 67 20.80 30.58 1.91
N THR A 68 20.08 29.51 1.59
CA THR A 68 19.86 29.12 0.22
C THR A 68 18.60 28.27 0.18
N THR A 69 18.21 27.81 -1.01
CA THR A 69 17.14 26.84 -1.14
C THR A 69 17.62 25.68 -2.01
N VAL A 70 17.18 24.47 -1.67
CA VAL A 70 17.55 23.26 -2.42
C VAL A 70 16.33 22.37 -2.65
N PRO A 71 16.39 21.47 -3.66
CA PRO A 71 15.26 20.58 -3.92
C PRO A 71 14.96 19.71 -2.70
N ALA A 72 13.71 19.76 -2.24
CA ALA A 72 13.33 19.13 -0.99
C ALA A 72 13.43 17.62 -1.02
N ARG A 73 12.81 17.01 -2.02
CA ARG A 73 12.76 15.55 -2.13
C ARG A 73 14.16 14.96 -2.26
N LYS A 74 14.96 15.55 -3.16
CA LYS A 74 16.32 15.07 -3.36
C LYS A 74 17.16 15.18 -2.11
N PHE A 75 17.06 16.31 -1.40
CA PHE A 75 17.88 16.50 -0.20
C PHE A 75 17.46 15.50 0.87
N PHE A 76 16.15 15.33 1.03
CA PHE A 76 15.62 14.37 2.00
C PHE A 76 16.06 12.95 1.64
N ASP A 77 15.90 12.55 0.38
CA ASP A 77 16.26 11.19 -0.05
C ASP A 77 17.74 10.91 0.15
N ILE A 78 18.59 11.90 -0.13
CA ILE A 78 20.03 11.76 0.08
C ILE A 78 20.31 11.51 1.56
N CYS A 79 19.74 12.34 2.43
CA CYS A 79 19.98 12.19 3.86
C CYS A 79 19.45 10.86 4.42
N ARG A 80 18.24 10.49 4.05
CA ARG A 80 17.69 9.25 4.58
CA ARG A 80 17.63 9.23 4.51
C ARG A 80 18.37 8.02 3.96
N GLY A 81 18.93 8.18 2.76
CA GLY A 81 19.67 7.09 2.13
C GLY A 81 21.06 6.83 2.70
N LEU A 82 21.57 7.77 3.47
CA LEU A 82 22.86 7.63 4.14
C LEU A 82 22.73 6.70 5.35
N PRO A 83 23.84 6.09 5.78
CA PRO A 83 23.73 5.07 6.83
C PRO A 83 23.46 5.63 8.22
N GLU A 84 22.94 4.79 9.11
CA GLU A 84 22.71 5.18 10.50
C GLU A 84 24.01 5.71 11.08
N GLY A 85 23.91 6.85 11.77
CA GLY A 85 25.05 7.45 12.45
C GLY A 85 25.90 8.36 11.58
N ALA A 86 25.50 8.54 10.32
CA ALA A 86 26.25 9.39 9.42
C ALA A 86 26.25 10.84 9.89
N GLU A 87 27.40 11.50 9.73
CA GLU A 87 27.51 12.94 9.89
C GLU A 87 27.41 13.58 8.52
N ILE A 88 26.61 14.63 8.41
CA ILE A 88 26.32 15.25 7.13
C ILE A 88 26.88 16.67 7.12
N ALA A 89 27.91 16.87 6.32
CA ALA A 89 28.53 18.18 6.16
C ALA A 89 27.95 18.86 4.93
N VAL A 90 27.47 20.09 5.12
CA VAL A 90 26.84 20.85 4.05
C VAL A 90 27.53 22.19 3.89
N GLN A 91 27.77 22.61 2.66
CA GLN A 91 28.28 23.95 2.39
C GLN A 91 27.87 24.45 1.02
N LEU A 92 27.60 25.74 0.94
CA LEU A 92 27.19 26.38 -0.29
C LEU A 92 28.46 26.76 -1.04
N GLU A 93 28.59 26.28 -2.27
CA GLU A 93 29.73 26.62 -3.12
C GLU A 93 29.19 27.23 -4.41
N GLY A 94 29.34 28.54 -4.55
CA GLY A 94 28.75 29.26 -5.67
C GLY A 94 27.26 29.07 -5.66
N GLU A 95 26.73 28.47 -6.72
CA GLU A 95 25.30 28.25 -6.88
C GLU A 95 24.90 26.79 -6.65
N ARG A 96 25.84 25.98 -6.17
CA ARG A 96 25.54 24.61 -5.81
C ARG A 96 25.61 24.45 -4.31
N MET A 97 24.85 23.51 -3.77
CA MET A 97 24.98 23.11 -2.38
C MET A 97 25.62 21.74 -2.31
N LEU A 98 26.78 21.68 -1.66
CA LEU A 98 27.54 20.44 -1.49
C LEU A 98 27.07 19.73 -0.23
N VAL A 99 26.87 18.43 -0.35
CA VAL A 99 26.52 17.57 0.78
C VAL A 99 27.52 16.44 0.83
N ARG A 100 28.19 16.25 1.98
CA ARG A 100 29.23 15.25 2.13
C ARG A 100 29.04 14.42 3.39
N SER A 101 29.24 13.11 3.26
CA SER A 101 29.15 12.22 4.41
C SER A 101 29.96 10.98 4.07
N GLY A 102 30.95 10.65 4.90
CA GLY A 102 31.88 9.58 4.55
C GLY A 102 32.53 9.87 3.21
N ARG A 103 32.42 8.91 2.29
CA ARG A 103 32.91 9.12 0.92
CA ARG A 103 32.91 9.07 0.92
C ARG A 103 31.74 9.19 -0.05
N SER A 104 30.63 9.74 0.43
CA SER A 104 29.48 10.07 -0.39
C SER A 104 29.47 11.58 -0.57
N ARG A 105 29.37 12.05 -1.82
CA ARG A 105 29.36 13.48 -2.13
C ARG A 105 28.23 13.81 -3.10
N PHE A 106 27.54 14.91 -2.85
CA PHE A 106 26.44 15.35 -3.71
C PHE A 106 26.51 16.84 -3.94
N SER A 107 26.17 17.26 -5.15
CA SER A 107 26.09 18.67 -5.50
C SER A 107 24.68 18.93 -6.01
N LEU A 108 23.91 19.71 -5.25
CA LEU A 108 22.54 20.01 -5.60
C LEU A 108 22.40 21.41 -6.17
N SER A 109 21.41 21.58 -7.02
CA SER A 109 21.09 22.89 -7.55
C SER A 109 20.44 23.73 -6.45
N THR A 110 20.46 25.04 -6.62
CA THR A 110 19.84 25.95 -5.66
C THR A 110 19.03 27.01 -6.37
N LEU A 111 18.10 27.60 -5.63
CA LEU A 111 17.47 28.85 -6.00
C LEU A 111 17.69 29.86 -4.86
N PRO A 112 17.84 31.15 -5.19
CA PRO A 112 18.14 32.12 -4.15
C PRO A 112 17.14 32.16 -2.99
N ALA A 113 17.65 32.25 -1.77
CA ALA A 113 16.80 32.42 -0.59
C ALA A 113 15.87 33.63 -0.71
N ALA A 114 16.36 34.69 -1.35
CA ALA A 114 15.58 35.91 -1.54
C ALA A 114 14.28 35.68 -2.32
N ASP A 115 14.24 34.62 -3.13
CA ASP A 115 13.04 34.28 -3.92
C ASP A 115 12.04 33.40 -3.17
N PHE A 116 12.41 32.89 -2.00
CA PHE A 116 11.53 31.96 -1.30
C PHE A 116 10.32 32.71 -0.75
N PRO A 117 9.10 32.23 -1.02
CA PRO A 117 7.90 32.97 -0.62
C PRO A 117 7.60 32.91 0.88
N ASN A 118 7.07 34.03 1.41
CA ASN A 118 6.61 34.12 2.80
C ASN A 118 5.09 34.28 2.85
N LEU A 119 4.47 33.82 3.95
CA LEU A 119 3.08 34.17 4.20
C LEU A 119 3.03 35.62 4.65
N ASP A 120 1.91 36.28 4.38
CA ASP A 120 1.70 37.65 4.87
C ASP A 120 1.83 37.68 6.39
N ASP A 121 2.35 38.80 6.91
CA ASP A 121 2.48 38.99 8.35
C ASP A 121 1.09 39.08 8.98
N TRP A 122 0.96 38.66 10.24
CA TRP A 122 -0.34 38.59 10.90
C TRP A 122 -0.20 38.64 12.43
N GLN A 123 -1.32 38.90 13.12
CA GLN A 123 -1.33 39.02 14.59
CA GLN A 123 -1.34 39.03 14.58
C GLN A 123 -2.13 37.89 15.22
N SER A 124 -1.63 37.37 16.34
CA SER A 124 -2.33 36.36 17.14
C SER A 124 -3.43 36.99 18.00
N GLU A 125 -4.65 36.47 17.87
CA GLU A 125 -5.80 36.98 18.62
C GLU A 125 -6.27 36.01 19.71
N VAL A 126 -6.07 34.72 19.47
CA VAL A 126 -6.55 33.66 20.36
C VAL A 126 -5.42 32.64 20.55
N GLU A 127 -5.17 32.25 21.79
CA GLU A 127 -4.06 31.36 22.10
C GLU A 127 -4.38 30.39 23.19
N PHE A 128 -3.91 29.16 23.03
CA PHE A 128 -4.06 28.13 24.05
C PHE A 128 -3.06 27.00 23.84
N THR A 129 -2.84 26.23 24.91
CA THR A 129 -1.96 25.07 24.89
C THR A 129 -2.80 23.83 25.17
N LEU A 130 -2.40 22.70 24.60
CA LEU A 130 -3.05 21.42 24.87
C LEU A 130 -2.12 20.26 24.56
N PRO A 131 -2.36 19.10 25.18
CA PRO A 131 -1.53 17.94 24.88
C PRO A 131 -1.68 17.51 23.42
N GLN A 132 -0.59 17.02 22.84
CA GLN A 132 -0.63 16.47 21.49
C GLN A 132 -1.71 15.39 21.37
N ALA A 133 -1.83 14.54 22.39
CA ALA A 133 -2.81 13.45 22.40
C ALA A 133 -4.25 13.95 22.22
N THR A 134 -4.55 15.11 22.80
CA THR A 134 -5.87 15.71 22.73
C THR A 134 -6.16 16.21 21.31
N MET A 135 -5.16 16.83 20.67
CA MET A 135 -5.32 17.25 19.28
C MET A 135 -5.51 16.04 18.36
N LYS A 136 -4.71 15.00 18.55
CA LYS A 136 -4.86 13.75 17.79
C LYS A 136 -6.28 13.20 17.90
N ARG A 137 -6.78 13.12 19.14
CA ARG A 137 -8.14 12.66 19.42
C ARG A 137 -9.17 13.47 18.64
N LEU A 138 -9.08 14.80 18.75
CA LEU A 138 -10.03 15.70 18.09
C LEU A 138 -10.05 15.51 16.57
N ILE A 139 -8.88 15.40 15.97
CA ILE A 139 -8.80 15.26 14.51
C ILE A 139 -9.25 13.86 14.06
N GLU A 140 -8.72 12.80 14.65
CA GLU A 140 -9.09 11.44 14.25
CA GLU A 140 -9.08 11.45 14.23
C GLU A 140 -10.58 11.15 14.44
N ALA A 141 -11.20 11.82 15.41
CA ALA A 141 -12.62 11.63 15.68
C ALA A 141 -13.53 12.14 14.56
N THR A 142 -13.06 13.10 13.76
CA THR A 142 -13.92 13.82 12.83
C THR A 142 -13.43 13.89 11.40
N GLN A 143 -12.14 13.67 11.16
CA GLN A 143 -11.55 13.91 9.83
C GLN A 143 -12.29 13.21 8.69
N PHE A 144 -12.71 11.97 8.92
CA PHE A 144 -13.36 11.17 7.88
C PHE A 144 -14.67 11.78 7.36
N SER A 145 -15.25 12.70 8.12
CA SER A 145 -16.57 13.27 7.76
C SER A 145 -16.47 14.57 6.97
N MET A 146 -15.24 15.02 6.71
CA MET A 146 -15.02 16.20 5.88
CA MET A 146 -15.02 16.21 5.89
C MET A 146 -15.49 15.91 4.45
N ALA A 147 -16.02 16.92 3.78
CA ALA A 147 -16.40 16.76 2.38
C ALA A 147 -15.14 16.63 1.54
N HIS A 148 -15.33 16.10 0.33
CA HIS A 148 -14.27 15.99 -0.65
CA HIS A 148 -14.27 15.99 -0.65
C HIS A 148 -14.71 16.71 -1.92
N GLN A 149 -14.09 17.84 -2.21
CA GLN A 149 -14.38 18.56 -3.45
C GLN A 149 -15.82 19.11 -3.49
N ASP A 150 -16.39 19.46 -2.34
CA ASP A 150 -17.70 20.11 -2.33
C ASP A 150 -17.56 21.54 -2.84
N VAL A 151 -18.56 22.01 -3.59
CA VAL A 151 -18.58 23.39 -4.07
C VAL A 151 -18.69 24.38 -2.91
N ARG A 152 -19.19 23.90 -1.77
CA ARG A 152 -19.12 24.65 -0.52
C ARG A 152 -17.73 24.42 0.08
N TYR A 153 -16.76 25.27 -0.27
CA TYR A 153 -15.33 24.97 -0.01
C TYR A 153 -15.03 24.74 1.46
N TYR A 154 -15.72 25.49 2.32
CA TYR A 154 -15.52 25.37 3.76
C TYR A 154 -15.84 23.97 4.30
N LEU A 155 -16.71 23.22 3.64
CA LEU A 155 -17.01 21.84 4.06
C LEU A 155 -15.85 20.88 3.76
N ASN A 156 -14.93 21.29 2.91
CA ASN A 156 -13.77 20.48 2.58
C ASN A 156 -12.69 20.53 3.65
N GLY A 157 -12.87 21.42 4.62
CA GLY A 157 -11.93 21.56 5.75
C GLY A 157 -12.61 21.14 7.04
N MET A 158 -12.04 21.57 8.17
CA MET A 158 -12.51 21.18 9.49
C MET A 158 -12.67 22.41 10.37
N LEU A 159 -13.81 22.52 11.04
CA LEU A 159 -14.03 23.58 12.00
C LEU A 159 -13.30 23.28 13.29
N PHE A 160 -12.58 24.27 13.78
CA PHE A 160 -11.99 24.28 15.11
C PHE A 160 -12.66 25.38 15.90
N GLU A 161 -13.36 25.01 16.96
CA GLU A 161 -14.15 25.95 17.75
C GLU A 161 -13.72 25.92 19.20
N THR A 162 -13.53 27.11 19.78
CA THR A 162 -13.32 27.26 21.22
C THR A 162 -14.62 27.79 21.84
N GLU A 163 -15.02 27.18 22.94
CA GLU A 163 -16.19 27.60 23.70
C GLU A 163 -15.96 27.20 25.15
N GLY A 164 -16.05 28.15 26.06
CA GLY A 164 -15.80 27.87 27.48
C GLY A 164 -14.35 27.50 27.71
N GLU A 165 -14.11 26.27 28.16
CA GLU A 165 -12.77 25.71 28.25
C GLU A 165 -12.58 24.53 27.28
N GLU A 166 -13.46 24.40 26.30
CA GLU A 166 -13.43 23.27 25.35
C GLU A 166 -12.87 23.67 23.98
N LEU A 167 -12.09 22.77 23.39
CA LEU A 167 -11.77 22.85 21.96
C LEU A 167 -12.57 21.76 21.27
N ARG A 168 -13.18 22.11 20.14
CA ARG A 168 -14.09 21.24 19.44
C ARG A 168 -13.75 21.21 17.97
N THR A 169 -13.82 20.02 17.38
CA THR A 169 -13.72 19.90 15.93
C THR A 169 -15.08 19.46 15.37
N VAL A 170 -15.42 19.98 14.21
CA VAL A 170 -16.63 19.57 13.50
C VAL A 170 -16.26 19.33 12.06
N ALA A 171 -16.78 18.25 11.48
CA ALA A 171 -16.59 17.98 10.06
C ALA A 171 -17.90 17.43 9.51
N THR A 172 -18.27 17.85 8.30
CA THR A 172 -19.50 17.38 7.68
C THR A 172 -19.46 17.57 6.18
N ASP A 173 -20.20 16.73 5.47
CA ASP A 173 -20.32 16.83 4.01
C ASP A 173 -21.79 17.03 3.62
N GLY A 174 -22.65 17.35 4.58
CA GLY A 174 -24.08 17.51 4.33
C GLY A 174 -24.90 16.25 4.51
N HIS A 175 -24.27 15.09 4.37
CA HIS A 175 -24.96 13.79 4.53
C HIS A 175 -24.70 13.18 5.91
N ARG A 176 -23.51 13.44 6.44
CA ARG A 176 -23.12 12.94 7.75
C ARG A 176 -22.24 13.99 8.41
N LEU A 177 -22.22 13.99 9.73
CA LEU A 177 -21.48 14.97 10.52
C LEU A 177 -20.80 14.26 11.68
N ALA A 178 -19.64 14.79 12.06
CA ALA A 178 -18.89 14.35 13.22
C ALA A 178 -18.52 15.57 14.05
N VAL A 179 -18.69 15.47 15.37
CA VAL A 179 -18.28 16.51 16.29
C VAL A 179 -17.62 15.88 17.50
N CYS A 180 -16.52 16.49 17.95
CA CYS A 180 -15.77 16.03 19.10
C CYS A 180 -15.32 17.23 19.91
N SER A 181 -15.52 17.16 21.22
CA SER A 181 -15.17 18.26 22.13
C SER A 181 -14.28 17.71 23.22
N MET A 182 -13.21 18.45 23.54
CA MET A 182 -12.31 18.05 24.60
C MET A 182 -12.00 19.24 25.49
N PRO A 183 -12.00 19.03 26.82
CA PRO A 183 -11.65 20.08 27.75
C PRO A 183 -10.15 20.35 27.74
N ILE A 184 -9.75 21.61 27.78
CA ILE A 184 -8.33 21.94 27.81
C ILE A 184 -7.91 22.82 28.99
N GLY A 185 -8.84 23.06 29.92
CA GLY A 185 -8.47 23.65 31.22
C GLY A 185 -8.00 25.09 31.20
N GLN A 186 -8.43 25.85 30.20
CA GLN A 186 -8.11 27.27 30.08
C GLN A 186 -9.35 28.00 29.62
N SER A 187 -9.60 29.19 30.17
CA SER A 187 -10.71 30.03 29.74
CA SER A 187 -10.71 30.01 29.74
C SER A 187 -10.47 30.52 28.31
N LEU A 188 -11.36 30.15 27.40
CA LEU A 188 -11.21 30.51 26.00
C LEU A 188 -12.28 31.49 25.56
N PRO A 189 -11.98 32.34 24.57
CA PRO A 189 -13.01 33.13 23.93
C PRO A 189 -13.90 32.22 23.08
N SER A 190 -15.12 32.65 22.78
CA SER A 190 -15.99 31.90 21.87
C SER A 190 -15.60 32.28 20.46
N HIS A 191 -15.05 31.32 19.73
CA HIS A 191 -14.41 31.62 18.45
C HIS A 191 -14.37 30.35 17.61
N SER A 192 -14.45 30.51 16.30
CA SER A 192 -14.29 29.37 15.41
CA SER A 192 -14.38 29.39 15.36
C SER A 192 -13.54 29.76 14.14
N VAL A 193 -12.82 28.78 13.61
CA VAL A 193 -12.05 28.93 12.38
C VAL A 193 -12.18 27.64 11.59
N ILE A 194 -11.96 27.73 10.29
CA ILE A 194 -12.00 26.58 9.40
C ILE A 194 -10.59 26.34 8.84
N VAL A 195 -10.05 25.16 9.11
CA VAL A 195 -8.73 24.77 8.65
C VAL A 195 -8.88 23.95 7.38
N PRO A 196 -8.14 24.30 6.32
CA PRO A 196 -8.25 23.51 5.08
C PRO A 196 -7.78 22.06 5.24
N ARG A 197 -8.29 21.20 4.35
CA ARG A 197 -7.98 19.77 4.38
CA ARG A 197 -7.98 19.78 4.35
C ARG A 197 -6.50 19.48 4.55
N LYS A 198 -5.68 20.11 3.72
CA LYS A 198 -4.25 19.87 3.73
C LYS A 198 -3.63 20.30 5.06
N GLY A 199 -4.20 21.35 5.66
CA GLY A 199 -3.74 21.86 6.93
C GLY A 199 -4.02 20.88 8.04
N VAL A 200 -5.21 20.26 8.00
CA VAL A 200 -5.56 19.24 8.98
C VAL A 200 -4.61 18.04 8.89
N ILE A 201 -4.32 17.61 7.66
CA ILE A 201 -3.36 16.52 7.43
C ILE A 201 -1.99 16.84 7.99
N GLU A 202 -1.49 18.04 7.71
CA GLU A 202 -0.15 18.42 8.15
C GLU A 202 -0.09 18.58 9.67
N LEU A 203 -1.15 19.13 10.27
CA LEU A 203 -1.23 19.29 11.71
C LEU A 203 -1.19 17.94 12.42
N MET A 204 -1.92 16.97 11.87
CA MET A 204 -1.89 15.60 12.39
C MET A 204 -0.50 14.98 12.25
N ARG A 205 0.15 15.21 11.11
CA ARG A 205 1.45 14.60 10.84
C ARG A 205 2.55 15.12 11.77
N MET A 206 2.37 16.31 12.35
CA MET A 206 3.38 16.86 13.26
C MET A 206 3.25 16.36 14.70
N LEU A 207 2.23 15.53 14.96
CA LEU A 207 1.99 15.02 16.32
C LEU A 207 2.67 13.67 16.51
N ASP A 208 3.87 13.69 17.09
CA ASP A 208 4.65 12.48 17.35
C ASP A 208 4.20 11.77 18.62
N ASN A 212 5.87 16.70 24.72
CA ASN A 212 5.81 18.05 24.16
C ASN A 212 4.36 18.53 23.98
N PRO A 213 3.97 19.59 24.69
CA PRO A 213 2.63 20.15 24.44
C PRO A 213 2.54 20.87 23.11
N LEU A 214 1.31 21.16 22.68
CA LEU A 214 1.06 21.91 21.47
C LEU A 214 0.58 23.30 21.85
N ARG A 215 1.22 24.34 21.30
CA ARG A 215 0.75 25.72 21.48
CA ARG A 215 0.75 25.72 21.48
C ARG A 215 0.13 26.22 20.18
N VAL A 216 -1.12 26.64 20.28
CA VAL A 216 -1.87 27.10 19.11
C VAL A 216 -2.09 28.60 19.19
N GLN A 217 -1.87 29.27 18.07
CA GLN A 217 -2.18 30.68 17.96
C GLN A 217 -3.09 30.85 16.75
N ILE A 218 -4.16 31.61 16.93
CA ILE A 218 -5.16 31.84 15.90
C ILE A 218 -5.27 33.34 15.63
N GLY A 219 -5.16 33.73 14.37
CA GLY A 219 -5.39 35.10 13.92
C GLY A 219 -6.64 35.15 13.07
N SER A 220 -6.93 36.29 12.45
CA SER A 220 -8.14 36.43 11.65
C SER A 220 -8.13 35.53 10.40
N ASN A 221 -6.95 35.31 9.83
CA ASN A 221 -6.79 34.56 8.57
C ASN A 221 -5.80 33.41 8.65
N ASN A 222 -5.29 33.10 9.85
CA ASN A 222 -4.25 32.09 10.01
C ASN A 222 -4.40 31.32 11.31
N ILE A 223 -3.85 30.11 11.29
CA ILE A 223 -3.65 29.32 12.50
C ILE A 223 -2.19 28.86 12.53
N ARG A 224 -1.62 28.82 13.73
CA ARG A 224 -0.25 28.36 13.94
C ARG A 224 -0.20 27.36 15.07
N ALA A 225 0.59 26.31 14.87
CA ALA A 225 0.81 25.27 15.86
C ALA A 225 2.29 25.09 16.10
N HIS A 226 2.70 25.23 17.36
CA HIS A 226 4.09 25.05 17.80
CA HIS A 226 4.08 25.05 17.77
C HIS A 226 4.18 23.73 18.54
N VAL A 227 5.01 22.81 18.06
CA VAL A 227 5.27 21.56 18.79
C VAL A 227 6.77 21.32 18.77
N GLY A 228 7.37 21.23 19.95
CA GLY A 228 8.82 21.05 20.03
C GLY A 228 9.49 22.15 19.22
N ASP A 229 10.38 21.74 18.32
CA ASP A 229 11.14 22.67 17.51
C ASP A 229 10.56 22.83 16.10
N PHE A 230 9.24 22.62 15.98
CA PHE A 230 8.52 22.81 14.72
C PHE A 230 7.43 23.85 14.85
N ILE A 231 7.26 24.66 13.81
CA ILE A 231 6.18 25.62 13.74
C ILE A 231 5.45 25.49 12.41
N PHE A 232 4.16 25.17 12.49
CA PHE A 232 3.30 25.01 11.33
C PHE A 232 2.37 26.20 11.27
N THR A 233 2.24 26.81 10.10
CA THR A 233 1.30 27.90 9.90
C THR A 233 0.45 27.65 8.65
N SER A 234 -0.85 27.84 8.77
CA SER A 234 -1.75 27.67 7.65
C SER A 234 -2.69 28.85 7.51
N LYS A 235 -3.07 29.16 6.26
CA LYS A 235 -4.21 30.01 6.02
C LYS A 235 -5.49 29.30 6.48
N LEU A 236 -6.48 30.10 6.83
CA LEU A 236 -7.81 29.61 7.17
C LEU A 236 -8.73 29.70 5.97
N VAL A 237 -9.88 29.05 6.06
CA VAL A 237 -10.86 29.03 4.99
C VAL A 237 -12.01 29.96 5.34
N ASP A 238 -12.43 30.77 4.37
CA ASP A 238 -13.57 31.66 4.55
C ASP A 238 -14.86 30.87 4.39
N GLY A 239 -15.93 31.34 5.02
CA GLY A 239 -17.26 30.79 4.80
C GLY A 239 -18.03 30.54 6.08
N ARG A 240 -19.30 30.20 5.88
CA ARG A 240 -20.25 29.96 6.98
C ARG A 240 -20.35 28.47 7.27
N PHE A 241 -19.56 27.97 8.21
CA PHE A 241 -19.62 26.55 8.56
C PHE A 241 -20.92 26.28 9.32
N PRO A 242 -21.63 25.19 8.98
CA PRO A 242 -22.89 24.94 9.69
C PRO A 242 -22.70 24.68 11.18
N ASP A 243 -23.74 24.94 11.96
CA ASP A 243 -23.74 24.77 13.40
C ASP A 243 -24.21 23.37 13.75
N TYR A 244 -23.33 22.57 14.35
CA TYR A 244 -23.64 21.19 14.73
C TYR A 244 -24.82 21.13 15.70
N ARG A 245 -25.01 22.16 16.51
CA ARG A 245 -26.11 22.22 17.48
C ARG A 245 -27.47 22.17 16.79
N ARG A 246 -27.53 22.59 15.53
CA ARG A 246 -28.78 22.56 14.75
C ARG A 246 -28.92 21.26 13.96
N VAL A 247 -27.91 20.40 14.05
CA VAL A 247 -27.90 19.11 13.36
C VAL A 247 -28.17 17.97 14.34
N LEU A 248 -27.74 18.10 15.61
CA LEU A 248 -28.03 17.06 16.59
C LEU A 248 -29.55 16.91 16.70
N PRO A 249 -30.06 15.67 16.61
CA PRO A 249 -31.52 15.51 16.76
C PRO A 249 -32.05 16.06 18.09
N LYS A 250 -33.19 16.77 18.07
CA LYS A 250 -33.71 17.41 19.29
C LYS A 250 -34.07 16.47 20.43
N ASN A 251 -34.57 15.27 20.10
CA ASN A 251 -35.02 14.33 21.13
C ASN A 251 -35.05 12.92 20.57
N PRO A 252 -33.86 12.33 20.35
CA PRO A 252 -33.74 11.01 19.76
C PRO A 252 -33.87 9.95 20.85
N ASP A 253 -35.08 9.81 21.38
CA ASP A 253 -35.27 9.09 22.64
C ASP A 253 -35.45 7.58 22.51
N LYS A 254 -35.30 7.05 21.29
CA LYS A 254 -35.18 5.61 21.06
C LYS A 254 -33.70 5.25 21.13
N HIS A 255 -33.26 4.56 22.18
CA HIS A 255 -31.84 4.25 22.36
C HIS A 255 -31.54 2.77 22.21
N LEU A 256 -30.73 2.43 21.22
CA LEU A 256 -30.26 1.07 21.00
C LEU A 256 -28.78 0.99 21.35
N GLU A 257 -28.39 -0.03 22.10
CA GLU A 257 -26.97 -0.25 22.40
CA GLU A 257 -26.97 -0.25 22.41
C GLU A 257 -26.54 -1.63 21.90
N ALA A 258 -25.34 -1.69 21.32
CA ALA A 258 -24.83 -2.91 20.72
C ALA A 258 -23.31 -2.94 20.78
N GLY A 259 -22.73 -4.13 20.67
CA GLY A 259 -21.30 -4.26 20.52
C GLY A 259 -20.81 -3.61 19.25
N CYS A 260 -19.75 -2.81 19.35
CA CYS A 260 -19.24 -2.07 18.19
CA CYS A 260 -19.16 -2.05 18.23
C CYS A 260 -18.70 -2.99 17.11
N ASP A 261 -17.82 -3.92 17.46
CA ASP A 261 -17.24 -4.86 16.48
C ASP A 261 -18.31 -5.77 15.88
N LEU A 262 -19.21 -6.28 16.71
CA LEU A 262 -20.32 -7.10 16.23
C LEU A 262 -21.17 -6.35 15.22
N LEU A 263 -21.59 -5.14 15.58
CA LEU A 263 -22.41 -4.34 14.70
C LEU A 263 -21.68 -4.00 13.39
N LYS A 264 -20.42 -3.57 13.51
CA LYS A 264 -19.59 -3.23 12.36
C LYS A 264 -19.50 -4.38 11.36
N GLN A 265 -19.22 -5.56 11.87
CA GLN A 265 -19.00 -6.70 10.99
C GLN A 265 -20.30 -7.16 10.32
N ALA A 266 -21.43 -6.99 11.01
CA ALA A 266 -22.73 -7.30 10.41
C ALA A 266 -23.02 -6.35 9.27
N PHE A 267 -22.80 -5.06 9.51
CA PHE A 267 -23.00 -4.08 8.46
C PHE A 267 -22.05 -4.32 7.29
N ALA A 268 -20.81 -4.69 7.59
CA ALA A 268 -19.80 -4.93 6.55
C ALA A 268 -20.22 -6.10 5.66
N ARG A 269 -20.76 -7.16 6.27
CA ARG A 269 -21.26 -8.29 5.47
C ARG A 269 -22.48 -7.91 4.63
N ALA A 270 -23.45 -7.23 5.24
CA ALA A 270 -24.64 -6.81 4.49
C ALA A 270 -24.27 -5.90 3.34
N ALA A 271 -23.30 -5.02 3.56
CA ALA A 271 -22.83 -4.08 2.54
C ALA A 271 -22.45 -4.77 1.23
N ILE A 272 -21.96 -6.01 1.32
CA ILE A 272 -21.49 -6.74 0.13
C ILE A 272 -22.60 -6.87 -0.91
N LEU A 273 -23.86 -6.99 -0.46
CA LEU A 273 -25.01 -7.16 -1.34
C LEU A 273 -25.90 -5.91 -1.40
N SER A 274 -25.31 -4.76 -1.07
CA SER A 274 -25.97 -3.47 -1.23
C SER A 274 -25.62 -2.88 -2.59
N ASN A 275 -26.47 -1.95 -3.02
CA ASN A 275 -26.25 -1.22 -4.27
C ASN A 275 -24.85 -0.62 -4.26
N GLU A 276 -24.11 -0.83 -5.34
CA GLU A 276 -22.70 -0.45 -5.38
C GLU A 276 -22.48 1.06 -5.34
N LYS A 277 -23.42 1.81 -5.89
CA LYS A 277 -23.36 3.28 -5.86
C LYS A 277 -24.03 3.87 -4.62
N PHE A 278 -25.26 3.43 -4.33
CA PHE A 278 -26.07 4.07 -3.29
C PHE A 278 -25.92 3.44 -1.91
N ARG A 279 -25.48 2.18 -1.87
CA ARG A 279 -25.02 1.53 -0.62
C ARG A 279 -26.08 1.43 0.47
N GLY A 280 -27.34 1.38 0.08
CA GLY A 280 -28.44 1.40 1.04
C GLY A 280 -28.62 0.09 1.77
N VAL A 281 -28.80 0.17 3.08
CA VAL A 281 -29.24 -0.96 3.90
C VAL A 281 -30.45 -0.52 4.73
N ARG A 282 -31.22 -1.48 5.21
CA ARG A 282 -32.39 -1.20 6.05
C ARG A 282 -32.20 -1.82 7.42
N LEU A 283 -32.58 -1.07 8.44
CA LEU A 283 -32.52 -1.52 9.82
C LEU A 283 -33.94 -1.71 10.33
N TYR A 284 -34.21 -2.86 10.93
CA TYR A 284 -35.47 -3.11 11.62
C TYR A 284 -35.17 -3.28 13.11
N VAL A 285 -35.69 -2.37 13.91
CA VAL A 285 -35.39 -2.34 15.32
C VAL A 285 -36.59 -2.86 16.11
N SER A 286 -36.34 -3.80 17.03
CA SER A 286 -37.40 -4.37 17.87
C SER A 286 -36.82 -4.74 19.24
N GLU A 287 -37.66 -5.29 20.12
CA GLU A 287 -37.24 -5.59 21.49
C GLU A 287 -35.94 -6.38 21.50
N ASN A 288 -34.87 -5.75 21.98
CA ASN A 288 -33.54 -6.35 22.07
C ASN A 288 -33.08 -7.07 20.79
N GLN A 289 -33.47 -6.56 19.63
CA GLN A 289 -33.06 -7.14 18.36
C GLN A 289 -32.93 -6.11 17.26
N LEU A 290 -31.92 -6.30 16.42
CA LEU A 290 -31.75 -5.50 15.22
C LEU A 290 -31.62 -6.44 14.04
N LYS A 291 -32.38 -6.18 12.99
CA LYS A 291 -32.23 -6.88 11.72
C LYS A 291 -31.72 -5.89 10.67
N ILE A 292 -30.65 -6.26 9.97
CA ILE A 292 -30.10 -5.47 8.89
C ILE A 292 -30.33 -6.22 7.60
N THR A 293 -30.88 -5.55 6.60
CA THR A 293 -31.07 -6.17 5.30
C THR A 293 -30.43 -5.32 4.23
N ALA A 294 -30.04 -6.00 3.16
CA ALA A 294 -29.48 -5.33 1.99
C ALA A 294 -29.90 -6.08 0.74
N ASN A 295 -30.14 -5.33 -0.33
CA ASN A 295 -30.36 -5.92 -1.63
C ASN A 295 -29.81 -5.03 -2.74
N ASN A 296 -29.58 -5.63 -3.90
CA ASN A 296 -29.00 -4.91 -5.01
C ASN A 296 -29.85 -5.11 -6.28
N PRO A 297 -29.47 -4.46 -7.39
CA PRO A 297 -30.23 -4.65 -8.62
C PRO A 297 -30.21 -6.08 -9.18
N GLU A 298 -29.24 -6.89 -8.77
CA GLU A 298 -29.19 -8.32 -9.16
C GLU A 298 -30.16 -9.18 -8.33
N GLN A 299 -30.97 -8.55 -7.48
CA GLN A 299 -31.91 -9.23 -6.58
C GLN A 299 -31.21 -10.17 -5.59
N GLU A 300 -29.94 -9.90 -5.32
CA GLU A 300 -29.22 -10.62 -4.28
C GLU A 300 -29.59 -9.96 -2.96
N GLU A 301 -29.56 -10.74 -1.88
CA GLU A 301 -30.07 -10.26 -0.59
C GLU A 301 -29.18 -10.74 0.53
N ALA A 302 -28.94 -9.84 1.49
CA ALA A 302 -28.29 -10.18 2.74
C ALA A 302 -29.21 -9.88 3.91
N GLU A 303 -29.07 -10.68 4.96
CA GLU A 303 -29.81 -10.46 6.20
C GLU A 303 -28.93 -10.81 7.38
N GLU A 304 -28.83 -9.87 8.32
CA GLU A 304 -28.13 -10.07 9.59
C GLU A 304 -29.08 -9.80 10.75
N ILE A 305 -29.10 -10.71 11.71
CA ILE A 305 -29.83 -10.51 12.96
C ILE A 305 -28.84 -10.47 14.12
N LEU A 306 -29.00 -9.45 14.97
CA LEU A 306 -28.09 -9.20 16.09
CA LEU A 306 -28.09 -9.16 16.05
C LEU A 306 -28.89 -8.96 17.35
N ASP A 307 -28.37 -9.47 18.47
CA ASP A 307 -28.94 -9.15 19.77
C ASP A 307 -28.45 -7.76 20.14
N VAL A 308 -29.35 -6.90 20.61
CA VAL A 308 -28.99 -5.57 21.09
C VAL A 308 -29.77 -5.28 22.36
N THR A 309 -29.48 -4.15 22.99
CA THR A 309 -30.29 -3.64 24.09
C THR A 309 -31.19 -2.55 23.54
N TYR A 310 -32.49 -2.83 23.46
CA TYR A 310 -33.47 -1.88 22.97
C TYR A 310 -34.85 -2.19 23.54
N SER A 311 -35.41 -1.23 24.25
CA SER A 311 -36.74 -1.37 24.85
C SER A 311 -37.70 -0.27 24.42
N GLY A 312 -37.41 0.38 23.29
CA GLY A 312 -38.28 1.41 22.72
C GLY A 312 -39.27 0.83 21.71
N ALA A 313 -39.94 1.72 20.98
CA ALA A 313 -40.95 1.31 19.99
C ALA A 313 -40.28 0.75 18.75
N GLU A 314 -40.95 -0.18 18.07
CA GLU A 314 -40.41 -0.74 16.84
C GLU A 314 -40.36 0.34 15.76
N MET A 315 -39.31 0.31 14.95
CA MET A 315 -39.24 1.19 13.78
C MET A 315 -38.28 0.61 12.76
N GLU A 316 -38.36 1.13 11.55
CA GLU A 316 -37.41 0.81 10.50
C GLU A 316 -36.83 2.09 9.92
N ILE A 317 -35.64 1.98 9.35
CA ILE A 317 -34.94 3.13 8.83
C ILE A 317 -33.84 2.67 7.88
N GLY A 318 -33.58 3.44 6.83
CA GLY A 318 -32.55 3.11 5.85
C GLY A 318 -31.38 4.06 5.92
N PHE A 319 -30.18 3.55 5.61
CA PHE A 319 -28.94 4.34 5.61
C PHE A 319 -27.97 3.88 4.54
N ASN A 320 -27.14 4.82 4.10
CA ASN A 320 -25.91 4.49 3.38
C ASN A 320 -24.98 3.77 4.37
N VAL A 321 -24.73 2.49 4.11
CA VAL A 321 -23.96 1.68 5.04
C VAL A 321 -22.51 2.15 5.17
N SER A 322 -21.94 2.79 4.14
CA SER A 322 -20.57 3.31 4.23
CA SER A 322 -20.57 3.31 4.23
C SER A 322 -20.45 4.37 5.33
N TYR A 323 -21.47 5.23 5.46
CA TYR A 323 -21.45 6.26 6.50
C TYR A 323 -21.52 5.67 7.88
N VAL A 324 -22.29 4.59 8.03
CA VAL A 324 -22.40 3.95 9.32
C VAL A 324 -21.09 3.23 9.65
N LEU A 325 -20.53 2.54 8.66
CA LEU A 325 -19.26 1.84 8.86
C LEU A 325 -18.15 2.85 9.19
N ASP A 326 -18.15 3.97 8.50
CA ASP A 326 -17.18 5.04 8.79
C ASP A 326 -17.21 5.46 10.25
N VAL A 327 -18.42 5.63 10.79
CA VAL A 327 -18.58 6.02 12.19
C VAL A 327 -18.07 4.94 13.13
N LEU A 328 -18.44 3.69 12.88
CA LEU A 328 -18.04 2.60 13.78
C LEU A 328 -16.51 2.42 13.75
N ASN A 329 -15.90 2.57 12.57
CA ASN A 329 -14.44 2.51 12.46
C ASN A 329 -13.72 3.65 13.17
N ALA A 330 -14.37 4.82 13.24
CA ALA A 330 -13.79 5.96 13.95
C ALA A 330 -13.90 5.81 15.46
N LEU A 331 -15.02 5.26 15.92
CA LEU A 331 -15.27 5.11 17.35
C LEU A 331 -14.29 4.19 18.06
N LYS A 332 -13.86 3.11 17.40
CA LYS A 332 -13.01 2.10 18.03
C LYS A 332 -13.53 1.83 19.44
N CYS A 333 -14.83 1.53 19.51
CA CYS A 333 -15.53 1.44 20.81
CA CYS A 333 -15.58 1.43 20.77
C CYS A 333 -15.79 -0.01 21.23
N GLU A 334 -16.15 -0.18 22.50
CA GLU A 334 -16.56 -1.49 23.00
C GLU A 334 -18.06 -1.64 22.70
N ASN A 335 -18.85 -0.67 23.15
CA ASN A 335 -20.27 -0.60 22.85
C ASN A 335 -20.64 0.74 22.20
N VAL A 336 -21.67 0.71 21.37
CA VAL A 336 -22.14 1.90 20.66
C VAL A 336 -23.60 2.15 21.00
N ARG A 337 -23.98 3.43 21.10
CA ARG A 337 -25.38 3.81 21.27
CA ARG A 337 -25.38 3.80 21.27
C ARG A 337 -25.88 4.49 20.00
N MET A 338 -26.99 3.97 19.46
CA MET A 338 -27.68 4.58 18.34
C MET A 338 -28.94 5.21 18.89
N MET A 339 -29.15 6.48 18.55
CA MET A 339 -30.23 7.28 19.10
CA MET A 339 -30.24 7.27 19.10
C MET A 339 -31.14 7.70 17.95
N LEU A 340 -32.35 7.17 17.95
CA LEU A 340 -33.25 7.27 16.81
C LEU A 340 -34.47 8.14 17.11
N THR A 341 -35.05 8.68 16.05
CA THR A 341 -36.20 9.57 16.13
C THR A 341 -37.38 8.94 15.37
N ASP A 342 -37.24 8.79 14.06
CA ASP A 342 -38.20 8.08 13.23
C ASP A 342 -37.58 7.69 11.90
N SER A 343 -38.37 7.03 11.04
CA SER A 343 -37.89 6.48 9.77
C SER A 343 -37.40 7.49 8.75
N VAL A 344 -37.75 8.76 8.94
CA VAL A 344 -37.41 9.81 7.98
C VAL A 344 -36.55 10.92 8.59
N SER A 345 -35.90 10.62 9.72
CA SER A 345 -35.05 11.56 10.43
C SER A 345 -33.64 11.00 10.67
N SER A 346 -32.69 11.90 10.82
CA SER A 346 -31.30 11.50 11.08
C SER A 346 -31.16 10.69 12.36
N VAL A 347 -30.07 9.95 12.44
CA VAL A 347 -29.71 9.17 13.62
C VAL A 347 -28.46 9.79 14.23
N GLN A 348 -28.37 9.74 15.55
CA GLN A 348 -27.16 10.12 16.27
C GLN A 348 -26.49 8.85 16.78
N ILE A 349 -25.17 8.80 16.67
CA ILE A 349 -24.39 7.64 17.10
C ILE A 349 -23.26 8.12 18.02
N GLU A 350 -23.10 7.44 19.15
CA GLU A 350 -22.01 7.73 20.08
C GLU A 350 -21.44 6.44 20.65
N ASP A 351 -20.24 6.55 21.21
CA ASP A 351 -19.70 5.53 22.08
C ASP A 351 -20.64 5.47 23.29
N ALA A 352 -21.06 4.26 23.67
CA ALA A 352 -21.94 4.10 24.82
C ALA A 352 -21.31 4.62 26.12
N ALA A 353 -19.98 4.62 26.18
CA ALA A 353 -19.25 5.04 27.39
C ALA A 353 -18.71 6.47 27.35
N SER A 354 -18.90 7.19 26.24
CA SER A 354 -18.40 8.57 26.15
C SER A 354 -19.29 9.47 25.30
N GLN A 355 -19.60 10.65 25.83
CA GLN A 355 -20.37 11.66 25.11
C GLN A 355 -19.46 12.66 24.37
N SER A 356 -18.15 12.43 24.38
CA SER A 356 -17.18 13.43 23.88
C SER A 356 -17.18 13.58 22.35
N ALA A 357 -17.63 12.54 21.65
CA ALA A 357 -17.85 12.63 20.21
C ALA A 357 -19.27 12.20 19.87
N ALA A 358 -19.86 12.83 18.87
CA ALA A 358 -21.18 12.43 18.38
C ALA A 358 -21.18 12.49 16.86
N TYR A 359 -22.00 11.62 16.27
CA TYR A 359 -22.06 11.45 14.83
C TYR A 359 -23.50 11.48 14.41
N VAL A 360 -23.79 12.18 13.33
CA VAL A 360 -25.16 12.31 12.83
C VAL A 360 -25.15 11.88 11.37
N VAL A 361 -26.09 11.00 11.03
CA VAL A 361 -26.19 10.46 9.69
C VAL A 361 -27.60 10.59 9.16
N MET A 362 -27.73 11.09 7.94
CA MET A 362 -29.04 11.22 7.28
CA MET A 362 -29.04 11.22 7.28
C MET A 362 -29.63 9.85 6.97
N PRO A 363 -30.96 9.72 7.05
CA PRO A 363 -31.58 8.49 6.55
C PRO A 363 -31.68 8.51 5.03
N MET A 364 -31.91 7.33 4.46
CA MET A 364 -32.18 7.17 3.04
C MET A 364 -33.64 6.80 2.85
N ARG A 365 -34.19 7.12 1.68
CA ARG A 365 -35.61 6.88 1.37
C ARG A 365 -35.95 5.39 1.30
N MET B 1 -27.55 -29.37 -4.78
CA MET B 1 -26.17 -29.19 -4.25
C MET B 1 -26.22 -28.62 -2.85
N LYS B 2 -25.57 -29.29 -1.90
CA LYS B 2 -25.50 -28.81 -0.54
C LYS B 2 -24.15 -29.15 0.07
N PHE B 3 -23.59 -28.24 0.84
CA PHE B 3 -22.42 -28.56 1.67
C PHE B 3 -22.36 -27.63 2.85
N THR B 4 -21.67 -28.07 3.90
CA THR B 4 -21.41 -27.27 5.07
C THR B 4 -19.94 -27.41 5.39
N VAL B 5 -19.22 -26.29 5.44
CA VAL B 5 -17.77 -26.30 5.61
CA VAL B 5 -17.77 -26.31 5.61
C VAL B 5 -17.34 -25.17 6.53
N GLU B 6 -16.27 -25.39 7.29
CA GLU B 6 -15.68 -24.35 8.11
C GLU B 6 -15.10 -23.26 7.24
N ARG B 7 -15.29 -22.01 7.64
CA ARG B 7 -14.80 -20.85 6.92
C ARG B 7 -13.35 -20.99 6.44
N GLU B 8 -12.47 -21.39 7.34
CA GLU B 8 -11.03 -21.38 7.04
C GLU B 8 -10.70 -22.41 5.97
N HIS B 9 -11.51 -23.46 5.85
CA HIS B 9 -11.30 -24.48 4.82
C HIS B 9 -11.63 -23.96 3.42
N LEU B 10 -12.33 -22.83 3.32
CA LEU B 10 -12.66 -22.21 2.03
C LEU B 10 -11.75 -21.06 1.65
N LEU B 11 -11.11 -20.41 2.62
CA LEU B 11 -10.36 -19.18 2.36
C LEU B 11 -9.20 -19.35 1.40
N LYS B 12 -8.31 -20.31 1.68
CA LYS B 12 -7.18 -20.55 0.78
C LYS B 12 -7.66 -21.01 -0.59
N PRO B 13 -8.59 -21.98 -0.64
CA PRO B 13 -9.10 -22.31 -1.98
C PRO B 13 -9.67 -21.11 -2.73
N LEU B 14 -10.45 -20.27 -2.05
CA LEU B 14 -11.02 -19.09 -2.67
C LEU B 14 -9.96 -18.09 -3.13
N GLN B 15 -8.93 -17.89 -2.32
CA GLN B 15 -7.81 -17.03 -2.74
CA GLN B 15 -7.77 -17.06 -2.70
C GLN B 15 -7.19 -17.54 -4.03
N GLN B 16 -6.97 -18.85 -4.10
CA GLN B 16 -6.30 -19.45 -5.25
C GLN B 16 -7.12 -19.42 -6.52
N VAL B 17 -8.44 -19.61 -6.43
CA VAL B 17 -9.27 -19.66 -7.65
C VAL B 17 -9.75 -18.28 -8.11
N SER B 18 -9.50 -17.26 -7.29
CA SER B 18 -9.83 -15.88 -7.65
C SER B 18 -8.69 -15.24 -8.42
N GLY B 19 -9.02 -14.26 -9.28
CA GLY B 19 -8.04 -13.53 -10.07
C GLY B 19 -7.55 -12.25 -9.43
N LEU B 27 -16.95 -11.31 -20.39
CA LEU B 27 -17.87 -12.43 -20.22
C LEU B 27 -18.20 -12.64 -18.74
N PRO B 28 -19.47 -12.42 -18.33
CA PRO B 28 -19.84 -12.49 -16.92
C PRO B 28 -19.47 -13.77 -16.17
N ILE B 29 -19.60 -14.93 -16.80
CA ILE B 29 -19.34 -16.17 -16.05
C ILE B 29 -17.86 -16.32 -15.67
N LEU B 30 -16.97 -15.61 -16.36
CA LEU B 30 -15.55 -15.60 -15.95
C LEU B 30 -15.35 -14.94 -14.59
N GLY B 31 -16.34 -14.18 -14.14
CA GLY B 31 -16.32 -13.54 -12.82
C GLY B 31 -16.93 -14.43 -11.76
N ASN B 32 -17.36 -15.63 -12.17
CA ASN B 32 -17.93 -16.62 -11.27
C ASN B 32 -16.95 -17.75 -11.01
N LEU B 33 -17.14 -18.43 -9.88
CA LEU B 33 -16.46 -19.69 -9.61
C LEU B 33 -17.42 -20.84 -9.83
N LEU B 34 -16.92 -21.89 -10.48
CA LEU B 34 -17.62 -23.18 -10.55
C LEU B 34 -17.46 -23.92 -9.24
N LEU B 35 -18.58 -24.29 -8.64
CA LEU B 35 -18.62 -25.14 -7.44
C LEU B 35 -19.22 -26.49 -7.82
N GLN B 36 -18.55 -27.57 -7.44
CA GLN B 36 -19.03 -28.93 -7.71
C GLN B 36 -18.90 -29.77 -6.46
N VAL B 37 -20.00 -30.40 -6.04
CA VAL B 37 -19.98 -31.39 -4.98
C VAL B 37 -20.09 -32.75 -5.63
N ALA B 38 -19.07 -33.59 -5.44
CA ALA B 38 -19.04 -34.92 -6.03
C ALA B 38 -18.11 -35.81 -5.23
N ASP B 39 -18.53 -37.06 -5.01
CA ASP B 39 -17.71 -38.09 -4.35
CA ASP B 39 -17.68 -38.08 -4.36
C ASP B 39 -16.91 -37.54 -3.15
N GLY B 40 -17.63 -36.95 -2.19
CA GLY B 40 -17.04 -36.46 -0.94
C GLY B 40 -16.18 -35.20 -1.00
N THR B 41 -16.21 -34.49 -2.12
CA THR B 41 -15.30 -33.38 -2.36
C THR B 41 -16.03 -32.19 -2.95
N LEU B 42 -15.73 -31.00 -2.42
CA LEU B 42 -16.11 -29.76 -3.07
C LEU B 42 -14.95 -29.29 -3.93
N SER B 43 -15.20 -29.10 -5.22
CA SER B 43 -14.21 -28.55 -6.14
C SER B 43 -14.62 -27.12 -6.50
N LEU B 44 -13.64 -26.22 -6.45
CA LEU B 44 -13.82 -24.82 -6.86
C LEU B 44 -12.91 -24.51 -8.04
N THR B 45 -13.47 -23.91 -9.09
CA THR B 45 -12.68 -23.58 -10.27
C THR B 45 -12.85 -22.13 -10.68
N GLY B 46 -11.73 -21.46 -10.93
CA GLY B 46 -11.72 -20.14 -11.54
C GLY B 46 -10.98 -20.19 -12.86
N THR B 47 -11.38 -19.35 -13.82
CA THR B 47 -10.69 -19.32 -15.10
C THR B 47 -10.83 -17.96 -15.74
N ASP B 48 -9.85 -17.62 -16.59
CA ASP B 48 -9.96 -16.45 -17.47
C ASP B 48 -9.82 -16.86 -18.94
N LEU B 49 -10.02 -18.15 -19.21
CA LEU B 49 -9.88 -18.74 -20.54
C LEU B 49 -8.44 -19.03 -20.97
N GLU B 50 -7.48 -18.33 -20.39
CA GLU B 50 -6.06 -18.57 -20.67
C GLU B 50 -5.48 -19.58 -19.68
N MET B 51 -5.93 -19.49 -18.43
CA MET B 51 -5.47 -20.38 -17.38
C MET B 51 -6.64 -20.68 -16.46
N GLU B 52 -6.45 -21.68 -15.60
CA GLU B 52 -7.51 -22.16 -14.72
C GLU B 52 -6.87 -22.67 -13.45
N MET B 53 -7.56 -22.49 -12.33
CA MET B 53 -7.15 -23.08 -11.06
C MET B 53 -8.30 -23.90 -10.51
N VAL B 54 -8.02 -25.13 -10.08
CA VAL B 54 -9.02 -25.98 -9.45
C VAL B 54 -8.53 -26.31 -8.05
N ALA B 55 -9.39 -26.08 -7.05
CA ALA B 55 -9.06 -26.40 -5.67
C ALA B 55 -10.04 -27.41 -5.13
N ARG B 56 -9.55 -28.41 -4.40
CA ARG B 56 -10.40 -29.43 -3.80
C ARG B 56 -10.48 -29.21 -2.29
N VAL B 57 -11.68 -29.38 -1.75
CA VAL B 57 -11.91 -29.33 -0.31
C VAL B 57 -12.65 -30.60 0.09
N ALA B 58 -12.11 -31.33 1.07
CA ALA B 58 -12.77 -32.54 1.54
C ALA B 58 -14.03 -32.19 2.34
N LEU B 59 -15.11 -32.93 2.13
CA LEU B 59 -16.37 -32.69 2.84
C LEU B 59 -16.63 -33.75 3.91
N VAL B 60 -16.44 -33.36 5.16
CA VAL B 60 -16.59 -34.24 6.30
C VAL B 60 -18.02 -34.21 6.85
N GLN B 61 -18.73 -33.11 6.59
CA GLN B 61 -20.13 -32.97 7.04
C GLN B 61 -21.06 -33.40 5.91
N PRO B 62 -22.35 -33.68 6.24
CA PRO B 62 -23.28 -34.13 5.19
C PRO B 62 -23.35 -33.18 4.00
N HIS B 63 -23.52 -33.76 2.82
CA HIS B 63 -23.53 -32.98 1.59
C HIS B 63 -24.39 -33.69 0.54
N GLU B 64 -24.72 -32.96 -0.51
CA GLU B 64 -25.51 -33.49 -1.60
C GLU B 64 -24.87 -33.01 -2.89
N PRO B 65 -24.79 -33.89 -3.89
CA PRO B 65 -24.08 -33.58 -5.11
C PRO B 65 -24.79 -32.55 -6.00
N GLY B 66 -24.02 -31.92 -6.87
CA GLY B 66 -24.54 -30.93 -7.80
C GLY B 66 -23.50 -29.89 -8.11
N ALA B 67 -23.82 -28.97 -9.02
CA ALA B 67 -22.87 -27.97 -9.47
C ALA B 67 -23.59 -26.68 -9.82
N THR B 68 -22.93 -25.56 -9.61
CA THR B 68 -23.43 -24.25 -10.00
C THR B 68 -22.25 -23.31 -10.10
N THR B 69 -22.49 -22.07 -10.47
CA THR B 69 -21.44 -21.04 -10.45
C THR B 69 -21.98 -19.82 -9.73
N VAL B 70 -21.08 -19.11 -9.04
CA VAL B 70 -21.45 -18.01 -8.14
C VAL B 70 -20.44 -16.88 -8.29
N PRO B 71 -20.88 -15.62 -8.16
CA PRO B 71 -19.94 -14.48 -8.19
C PRO B 71 -18.76 -14.68 -7.22
N ALA B 72 -17.54 -14.63 -7.76
CA ALA B 72 -16.35 -14.99 -6.99
C ALA B 72 -16.05 -14.01 -5.87
N ARG B 73 -15.96 -12.73 -6.20
CA ARG B 73 -15.57 -11.71 -5.21
C ARG B 73 -16.61 -11.61 -4.10
N LYS B 74 -17.89 -11.60 -4.47
CA LYS B 74 -18.95 -11.53 -3.46
C LYS B 74 -18.94 -12.75 -2.55
N PHE B 75 -18.80 -13.94 -3.12
CA PHE B 75 -18.78 -15.14 -2.29
C PHE B 75 -17.56 -15.14 -1.38
N PHE B 76 -16.41 -14.78 -1.94
CA PHE B 76 -15.17 -14.64 -1.18
C PHE B 76 -15.34 -13.64 -0.05
N ASP B 77 -15.86 -12.45 -0.37
CA ASP B 77 -15.99 -11.41 0.64
C ASP B 77 -16.96 -11.79 1.76
N ILE B 78 -18.03 -12.51 1.42
CA ILE B 78 -18.96 -13.00 2.43
C ILE B 78 -18.24 -13.95 3.37
N CYS B 79 -17.55 -14.94 2.79
CA CYS B 79 -16.85 -15.93 3.60
C CYS B 79 -15.79 -15.26 4.48
N ARG B 80 -15.00 -14.35 3.90
CA ARG B 80 -13.95 -13.64 4.67
C ARG B 80 -14.56 -12.82 5.80
N GLY B 81 -15.73 -12.24 5.54
CA GLY B 81 -16.39 -11.34 6.48
C GLY B 81 -17.11 -12.02 7.63
N LEU B 82 -17.34 -13.33 7.53
CA LEU B 82 -17.90 -14.10 8.62
C LEU B 82 -16.81 -14.30 9.68
N PRO B 83 -17.23 -14.56 10.93
CA PRO B 83 -16.23 -14.67 11.99
C PRO B 83 -15.36 -15.92 11.89
N GLU B 84 -14.16 -15.84 12.44
CA GLU B 84 -13.23 -16.97 12.42
C GLU B 84 -13.93 -18.23 12.93
N GLY B 85 -13.72 -19.34 12.24
CA GLY B 85 -14.28 -20.63 12.67
C GLY B 85 -15.73 -20.87 12.29
N ALA B 86 -16.35 -19.92 11.61
CA ALA B 86 -17.77 -20.00 11.29
C ALA B 86 -18.05 -21.21 10.43
N GLU B 87 -19.19 -21.87 10.69
CA GLU B 87 -19.67 -22.93 9.80
C GLU B 87 -20.51 -22.29 8.70
N ILE B 88 -20.20 -22.61 7.45
CA ILE B 88 -20.87 -22.01 6.31
C ILE B 88 -21.68 -23.04 5.54
N ALA B 89 -23.01 -22.90 5.61
CA ALA B 89 -23.92 -23.85 4.99
C ALA B 89 -24.37 -23.28 3.66
N VAL B 90 -24.20 -24.06 2.60
CA VAL B 90 -24.50 -23.62 1.26
C VAL B 90 -25.48 -24.58 0.60
N GLN B 91 -26.51 -24.04 -0.03
CA GLN B 91 -27.45 -24.86 -0.80
C GLN B 91 -28.02 -24.08 -1.96
N LEU B 92 -28.36 -24.80 -3.03
CA LEU B 92 -29.06 -24.21 -4.17
C LEU B 92 -30.53 -24.05 -3.85
N GLU B 93 -31.11 -22.92 -4.23
CA GLU B 93 -32.53 -22.66 -4.10
C GLU B 93 -32.99 -21.97 -5.38
N GLY B 94 -33.51 -22.75 -6.32
CA GLY B 94 -33.91 -22.25 -7.63
C GLY B 94 -32.73 -21.76 -8.44
N GLU B 95 -32.76 -20.47 -8.79
CA GLU B 95 -31.68 -19.82 -9.54
C GLU B 95 -30.70 -19.07 -8.60
N ARG B 96 -30.83 -19.28 -7.29
CA ARG B 96 -29.97 -18.59 -6.33
C ARG B 96 -29.17 -19.59 -5.52
N MET B 97 -28.06 -19.14 -4.96
CA MET B 97 -27.31 -19.96 -4.00
C MET B 97 -27.44 -19.33 -2.62
N LEU B 98 -27.94 -20.13 -1.68
CA LEU B 98 -28.10 -19.65 -0.31
C LEU B 98 -26.84 -19.94 0.47
N VAL B 99 -26.41 -18.96 1.24
CA VAL B 99 -25.27 -19.09 2.12
C VAL B 99 -25.75 -18.67 3.50
N ARG B 100 -25.61 -19.56 4.48
CA ARG B 100 -26.08 -19.30 5.83
CA ARG B 100 -26.10 -19.33 5.84
C ARG B 100 -25.02 -19.67 6.86
N SER B 101 -24.86 -18.79 7.84
CA SER B 101 -23.91 -19.02 8.93
C SER B 101 -24.40 -18.24 10.14
N GLY B 102 -24.67 -18.92 11.25
CA GLY B 102 -25.28 -18.26 12.41
C GLY B 102 -26.61 -17.61 12.04
N ARG B 103 -26.76 -16.33 12.36
CA ARG B 103 -27.92 -15.56 11.91
C ARG B 103 -27.54 -14.57 10.80
N SER B 104 -26.55 -14.95 10.00
CA SER B 104 -26.18 -14.25 8.76
C SER B 104 -26.65 -15.08 7.56
N ARG B 105 -27.46 -14.48 6.70
CA ARG B 105 -28.03 -15.17 5.55
C ARG B 105 -27.80 -14.36 4.28
N PHE B 106 -27.45 -15.05 3.20
CA PHE B 106 -27.18 -14.43 1.90
C PHE B 106 -27.77 -15.26 0.79
N SER B 107 -28.23 -14.59 -0.25
CA SER B 107 -28.74 -15.24 -1.43
C SER B 107 -28.03 -14.60 -2.61
N LEU B 108 -27.22 -15.40 -3.30
CA LEU B 108 -26.41 -14.95 -4.42
C LEU B 108 -27.02 -15.43 -5.74
N SER B 109 -26.80 -14.65 -6.78
CA SER B 109 -27.15 -15.04 -8.13
C SER B 109 -26.25 -16.19 -8.55
N THR B 110 -26.73 -17.00 -9.49
CA THR B 110 -25.93 -18.05 -10.08
C THR B 110 -25.99 -17.99 -11.59
N LEU B 111 -24.99 -18.61 -12.24
CA LEU B 111 -25.05 -18.95 -13.65
C LEU B 111 -24.83 -20.45 -13.78
N PRO B 112 -25.44 -21.09 -14.78
CA PRO B 112 -25.36 -22.56 -14.89
C PRO B 112 -23.94 -23.11 -15.01
N ALA B 113 -23.66 -24.20 -14.31
CA ALA B 113 -22.39 -24.91 -14.45
C ALA B 113 -22.13 -25.37 -15.89
N ALA B 114 -23.20 -25.67 -16.62
CA ALA B 114 -23.09 -26.08 -18.03
C ALA B 114 -22.43 -25.02 -18.91
N ASP B 115 -22.52 -23.76 -18.49
CA ASP B 115 -21.94 -22.65 -19.26
C ASP B 115 -20.52 -22.31 -18.83
N PHE B 116 -20.00 -22.96 -17.79
CA PHE B 116 -18.65 -22.67 -17.32
C PHE B 116 -17.65 -23.24 -18.32
N PRO B 117 -16.75 -22.38 -18.84
CA PRO B 117 -15.88 -22.82 -19.93
C PRO B 117 -14.72 -23.70 -19.46
N ASN B 118 -14.33 -24.63 -20.32
CA ASN B 118 -13.19 -25.50 -20.10
C ASN B 118 -12.07 -25.16 -21.04
N LEU B 119 -10.84 -25.43 -20.62
CA LEU B 119 -9.70 -25.40 -21.52
C LEU B 119 -9.78 -26.61 -22.45
N ASP B 120 -9.24 -26.47 -23.66
CA ASP B 120 -9.22 -27.59 -24.60
C ASP B 120 -8.48 -28.77 -23.99
N ASP B 121 -8.92 -29.97 -24.30
CA ASP B 121 -8.26 -31.19 -23.85
C ASP B 121 -6.84 -31.24 -24.45
N TRP B 122 -5.92 -31.88 -23.75
CA TRP B 122 -4.51 -31.97 -24.17
C TRP B 122 -3.79 -33.15 -23.54
N GLN B 123 -2.61 -33.48 -24.05
CA GLN B 123 -1.81 -34.62 -23.55
C GLN B 123 -0.50 -34.15 -22.93
N SER B 124 -0.11 -34.81 -21.83
CA SER B 124 1.15 -34.53 -21.15
C SER B 124 2.31 -35.23 -21.87
N GLU B 125 3.34 -34.46 -22.21
CA GLU B 125 4.50 -34.96 -22.95
C GLU B 125 5.80 -34.99 -22.14
N VAL B 126 5.93 -34.06 -21.19
CA VAL B 126 7.11 -33.91 -20.36
C VAL B 126 6.66 -33.71 -18.92
N GLU B 127 7.22 -34.46 -17.98
CA GLU B 127 6.80 -34.38 -16.58
C GLU B 127 7.97 -34.47 -15.62
N PHE B 128 7.84 -33.83 -14.47
CA PHE B 128 8.83 -33.95 -13.41
C PHE B 128 8.24 -33.47 -12.09
N THR B 129 8.88 -33.91 -11.01
CA THR B 129 8.49 -33.52 -9.66
C THR B 129 9.67 -32.84 -9.02
N LEU B 130 9.39 -31.78 -8.28
CA LEU B 130 10.43 -31.07 -7.58
C LEU B 130 9.85 -30.44 -6.31
N PRO B 131 10.73 -30.12 -5.35
CA PRO B 131 10.25 -29.38 -4.19
C PRO B 131 9.67 -28.02 -4.58
N GLN B 132 8.60 -27.62 -3.91
CA GLN B 132 8.03 -26.30 -4.12
C GLN B 132 9.06 -25.20 -3.95
N ALA B 133 9.92 -25.33 -2.95
CA ALA B 133 10.90 -24.29 -2.67
C ALA B 133 11.83 -24.09 -3.87
N THR B 134 12.10 -25.16 -4.60
CA THR B 134 12.98 -25.06 -5.77
C THR B 134 12.30 -24.27 -6.89
N MET B 135 11.03 -24.57 -7.16
CA MET B 135 10.29 -23.81 -8.17
C MET B 135 10.14 -22.34 -7.77
N LYS B 136 9.87 -22.08 -6.50
CA LYS B 136 9.77 -20.71 -6.02
C LYS B 136 11.08 -19.93 -6.21
N ARG B 137 12.20 -20.59 -5.92
CA ARG B 137 13.53 -19.98 -6.07
C ARG B 137 13.74 -19.63 -7.55
N LEU B 138 13.42 -20.58 -8.42
CA LEU B 138 13.58 -20.37 -9.86
C LEU B 138 12.74 -19.20 -10.38
N ILE B 139 11.49 -19.09 -9.95
CA ILE B 139 10.64 -18.01 -10.45
C ILE B 139 11.01 -16.66 -9.81
N GLU B 140 11.18 -16.63 -8.49
CA GLU B 140 11.54 -15.38 -7.80
C GLU B 140 12.83 -14.76 -8.32
N ALA B 141 13.77 -15.61 -8.72
CA ALA B 141 15.07 -15.13 -9.15
C ALA B 141 14.99 -14.35 -10.46
N THR B 142 13.96 -14.65 -11.27
CA THR B 142 13.89 -14.11 -12.63
C THR B 142 12.64 -13.29 -12.97
N GLN B 143 11.58 -13.41 -12.18
CA GLN B 143 10.25 -12.85 -12.51
C GLN B 143 10.30 -11.37 -12.88
N PHE B 144 11.08 -10.59 -12.14
CA PHE B 144 11.13 -9.14 -12.32
C PHE B 144 11.65 -8.73 -13.69
N SER B 145 12.34 -9.63 -14.38
CA SER B 145 12.91 -9.31 -15.70
C SER B 145 12.00 -9.63 -16.90
N MET B 146 10.82 -10.19 -16.64
CA MET B 146 9.84 -10.41 -17.71
C MET B 146 9.39 -9.08 -18.31
N ALA B 147 9.10 -9.07 -19.61
CA ALA B 147 8.44 -7.92 -20.21
C ALA B 147 6.99 -7.87 -19.72
N HIS B 148 6.37 -6.70 -19.82
CA HIS B 148 5.04 -6.48 -19.26
C HIS B 148 3.94 -6.48 -20.31
N GLN B 149 4.04 -5.56 -21.27
CA GLN B 149 3.09 -5.50 -22.39
C GLN B 149 3.85 -5.16 -23.67
N ASP B 150 4.94 -5.89 -23.91
CA ASP B 150 5.79 -5.66 -25.08
C ASP B 150 5.09 -6.14 -26.34
N VAL B 151 5.38 -5.49 -27.46
CA VAL B 151 4.80 -5.89 -28.75
CA VAL B 151 4.80 -5.90 -28.75
C VAL B 151 5.29 -7.29 -29.14
N ARG B 152 6.51 -7.63 -28.75
CA ARG B 152 7.03 -8.97 -28.93
C ARG B 152 6.41 -9.84 -27.83
N TYR B 153 5.27 -10.44 -28.17
CA TYR B 153 4.42 -11.12 -27.19
C TYR B 153 5.11 -12.27 -26.45
N TYR B 154 6.11 -12.88 -27.11
CA TYR B 154 6.87 -14.00 -26.53
C TYR B 154 7.79 -13.62 -25.36
N LEU B 155 8.00 -12.32 -25.13
CA LEU B 155 8.76 -11.85 -23.98
C LEU B 155 7.89 -11.58 -22.75
N ASN B 156 6.57 -11.57 -22.96
CA ASN B 156 5.64 -11.28 -21.87
C ASN B 156 5.36 -12.57 -21.12
N GLY B 157 6.41 -13.15 -20.57
CA GLY B 157 6.35 -14.47 -19.97
C GLY B 157 7.73 -14.92 -19.56
N MET B 158 7.83 -16.20 -19.21
CA MET B 158 9.05 -16.78 -18.68
C MET B 158 9.34 -18.08 -19.39
N LEU B 159 10.59 -18.27 -19.80
CA LEU B 159 11.00 -19.53 -20.37
C LEU B 159 11.23 -20.55 -19.26
N PHE B 160 10.70 -21.75 -19.45
CA PHE B 160 11.01 -22.90 -18.58
C PHE B 160 11.69 -23.91 -19.47
N GLU B 161 12.96 -24.20 -19.15
CA GLU B 161 13.81 -25.09 -19.94
C GLU B 161 14.29 -26.25 -19.09
N THR B 162 14.16 -27.46 -19.63
CA THR B 162 14.73 -28.64 -19.02
C THR B 162 15.95 -29.04 -19.84
N GLU B 163 17.02 -29.46 -19.17
CA GLU B 163 18.24 -29.92 -19.84
C GLU B 163 19.03 -30.82 -18.90
N GLY B 164 19.33 -32.04 -19.34
CA GLY B 164 20.02 -32.99 -18.47
C GLY B 164 19.19 -33.28 -17.24
N GLU B 165 19.69 -32.88 -16.08
CA GLU B 165 18.96 -33.04 -14.82
C GLU B 165 18.54 -31.72 -14.18
N GLU B 166 18.60 -30.62 -14.95
CA GLU B 166 18.28 -29.30 -14.42
C GLU B 166 17.04 -28.68 -15.04
N LEU B 167 16.40 -27.81 -14.26
CA LEU B 167 15.32 -26.96 -14.70
C LEU B 167 15.86 -25.55 -14.63
N ARG B 168 15.56 -24.77 -15.67
CA ARG B 168 16.06 -23.40 -15.79
C ARG B 168 14.91 -22.46 -16.16
N THR B 169 14.90 -21.28 -15.54
CA THR B 169 14.05 -20.20 -15.97
C THR B 169 14.86 -19.07 -16.58
N VAL B 170 14.29 -18.43 -17.59
CA VAL B 170 14.87 -17.25 -18.22
C VAL B 170 13.77 -16.21 -18.38
N ALA B 171 14.10 -14.95 -18.08
CA ALA B 171 13.18 -13.84 -18.27
C ALA B 171 13.97 -12.66 -18.81
N THR B 172 13.41 -12.01 -19.82
CA THR B 172 14.02 -10.81 -20.40
C THR B 172 12.97 -9.91 -21.03
N ASP B 173 13.26 -8.61 -21.04
CA ASP B 173 12.39 -7.62 -21.66
C ASP B 173 13.09 -6.99 -22.86
N GLY B 174 14.16 -7.62 -23.33
CA GLY B 174 14.95 -7.11 -24.45
C GLY B 174 16.07 -6.18 -24.01
N HIS B 175 16.04 -5.75 -22.76
CA HIS B 175 17.05 -4.82 -22.23
C HIS B 175 17.91 -5.44 -21.16
N ARG B 176 17.28 -6.13 -20.22
CA ARG B 176 18.01 -6.84 -19.19
C ARG B 176 17.47 -8.26 -19.12
N LEU B 177 18.26 -9.17 -18.58
CA LEU B 177 17.94 -10.59 -18.59
C LEU B 177 18.25 -11.20 -17.24
N ALA B 178 17.43 -12.17 -16.85
CA ALA B 178 17.68 -12.97 -15.66
C ALA B 178 17.60 -14.44 -16.04
N VAL B 179 18.49 -15.24 -15.50
CA VAL B 179 18.48 -16.69 -15.69
C VAL B 179 18.79 -17.41 -14.37
N CYS B 180 18.08 -18.51 -14.12
CA CYS B 180 18.34 -19.30 -12.91
C CYS B 180 18.20 -20.76 -13.29
N SER B 181 19.16 -21.57 -12.84
CA SER B 181 19.20 -23.01 -13.13
C SER B 181 19.39 -23.77 -11.82
N MET B 182 18.61 -24.84 -11.65
CA MET B 182 18.66 -25.70 -10.46
CA MET B 182 18.73 -25.70 -10.48
C MET B 182 18.62 -27.17 -10.85
N PRO B 183 19.50 -28.01 -10.25
CA PRO B 183 19.40 -29.45 -10.49
C PRO B 183 18.19 -30.04 -9.77
N ILE B 184 17.45 -30.90 -10.44
CA ILE B 184 16.26 -31.51 -9.83
C ILE B 184 16.28 -33.04 -9.77
N GLY B 185 17.42 -33.65 -10.07
CA GLY B 185 17.64 -35.06 -9.73
C GLY B 185 16.83 -36.05 -10.55
N GLN B 186 16.47 -35.66 -11.76
CA GLN B 186 15.73 -36.49 -12.69
C GLN B 186 16.29 -36.26 -14.07
N SER B 187 16.46 -37.35 -14.82
CA SER B 187 16.84 -37.28 -16.23
C SER B 187 15.71 -36.70 -17.06
N LEU B 188 15.96 -35.56 -17.70
CA LEU B 188 14.93 -34.83 -18.44
C LEU B 188 15.26 -34.75 -19.92
N PRO B 189 14.23 -34.63 -20.77
CA PRO B 189 14.46 -34.32 -22.17
C PRO B 189 14.88 -32.86 -22.29
N SER B 190 15.61 -32.51 -23.35
CA SER B 190 15.92 -31.12 -23.63
C SER B 190 14.69 -30.46 -24.26
N HIS B 191 14.09 -29.52 -23.53
CA HIS B 191 12.80 -28.96 -23.93
C HIS B 191 12.67 -27.58 -23.34
N SER B 192 11.96 -26.69 -24.02
CA SER B 192 11.61 -25.40 -23.41
C SER B 192 10.25 -24.90 -23.86
N VAL B 193 9.58 -24.18 -22.98
CA VAL B 193 8.29 -23.58 -23.26
C VAL B 193 8.23 -22.19 -22.62
N ILE B 194 7.31 -21.36 -23.10
CA ILE B 194 7.11 -20.02 -22.58
C ILE B 194 5.77 -19.98 -21.85
N VAL B 195 5.82 -19.66 -20.57
CA VAL B 195 4.61 -19.51 -19.76
C VAL B 195 4.26 -18.02 -19.71
N PRO B 196 2.98 -17.68 -20.02
CA PRO B 196 2.61 -16.25 -19.99
C PRO B 196 2.80 -15.63 -18.63
N ARG B 197 3.12 -14.34 -18.59
CA ARG B 197 3.47 -13.70 -17.33
C ARG B 197 2.36 -13.81 -16.26
N LYS B 198 1.10 -13.67 -16.65
CA LYS B 198 0.01 -13.83 -15.67
C LYS B 198 0.01 -15.25 -15.08
N GLY B 199 0.35 -16.24 -15.91
CA GLY B 199 0.45 -17.62 -15.45
C GLY B 199 1.62 -17.84 -14.50
N VAL B 200 2.74 -17.20 -14.79
CA VAL B 200 3.90 -17.24 -13.89
C VAL B 200 3.49 -16.70 -12.51
N ILE B 201 2.81 -15.56 -12.52
CA ILE B 201 2.37 -14.92 -11.28
C ILE B 201 1.40 -15.83 -10.54
N GLU B 202 0.45 -16.42 -11.27
CA GLU B 202 -0.53 -17.30 -10.63
C GLU B 202 0.16 -18.57 -10.08
N LEU B 203 1.10 -19.12 -10.83
CA LEU B 203 1.85 -20.30 -10.37
C LEU B 203 2.60 -20.00 -9.07
N MET B 204 3.29 -18.86 -9.05
CA MET B 204 4.08 -18.46 -7.89
CA MET B 204 4.09 -18.48 -7.88
C MET B 204 3.20 -18.32 -6.64
N ARG B 205 2.02 -17.75 -6.80
CA ARG B 205 1.05 -17.54 -5.70
C ARG B 205 0.48 -18.86 -5.17
N MET B 206 0.51 -19.92 -5.98
CA MET B 206 0.00 -21.23 -5.56
C MET B 206 1.01 -21.98 -4.68
N LEU B 207 2.27 -21.55 -4.68
CA LEU B 207 3.31 -22.27 -3.96
C LEU B 207 3.57 -21.60 -2.63
N ASP B 208 3.47 -22.35 -1.53
CA ASP B 208 3.85 -21.82 -0.22
C ASP B 208 5.26 -22.24 0.20
N GLY B 209 5.90 -23.11 -0.57
CA GLY B 209 7.25 -23.61 -0.25
C GLY B 209 7.20 -24.73 0.77
N GLY B 210 6.04 -25.35 0.89
CA GLY B 210 5.78 -26.37 1.90
C GLY B 210 6.29 -27.77 1.56
N ASP B 211 5.78 -28.75 2.30
CA ASP B 211 6.26 -30.13 2.16
C ASP B 211 5.58 -30.97 1.07
N ASN B 212 4.45 -30.51 0.56
CA ASN B 212 3.82 -31.15 -0.60
C ASN B 212 4.69 -31.02 -1.85
N PRO B 213 4.98 -32.14 -2.54
CA PRO B 213 5.76 -32.06 -3.78
C PRO B 213 4.98 -31.33 -4.87
N LEU B 214 5.70 -30.67 -5.78
CA LEU B 214 5.10 -30.04 -6.96
C LEU B 214 5.30 -30.94 -8.16
N ARG B 215 4.22 -31.29 -8.84
CA ARG B 215 4.28 -32.07 -10.07
C ARG B 215 3.96 -31.18 -11.26
N VAL B 216 4.87 -31.12 -12.23
CA VAL B 216 4.69 -30.31 -13.43
C VAL B 216 4.49 -31.22 -14.63
N GLN B 217 3.47 -30.91 -15.43
CA GLN B 217 3.21 -31.60 -16.67
C GLN B 217 3.18 -30.61 -17.81
N ILE B 218 3.95 -30.87 -18.85
CA ILE B 218 4.05 -29.96 -19.98
C ILE B 218 3.56 -30.68 -21.24
N GLY B 219 2.64 -30.03 -21.95
CA GLY B 219 2.20 -30.51 -23.24
C GLY B 219 2.68 -29.58 -24.34
N SER B 220 2.21 -29.82 -25.56
CA SER B 220 2.61 -29.02 -26.71
CA SER B 220 2.59 -29.02 -26.73
C SER B 220 2.18 -27.56 -26.58
N ASN B 221 1.07 -27.33 -25.89
CA ASN B 221 0.47 -25.99 -25.79
C ASN B 221 -0.02 -25.62 -24.39
N ASN B 222 0.32 -26.41 -23.38
CA ASN B 222 -0.17 -26.21 -22.03
C ASN B 222 0.86 -26.61 -21.01
N ILE B 223 0.73 -26.04 -19.81
CA ILE B 223 1.49 -26.47 -18.66
C ILE B 223 0.52 -26.65 -17.50
N ARG B 224 0.78 -27.66 -16.67
CA ARG B 224 -0.02 -27.90 -15.48
C ARG B 224 0.91 -28.09 -14.28
N ALA B 225 0.51 -27.51 -13.16
CA ALA B 225 1.24 -27.63 -11.91
C ALA B 225 0.26 -28.13 -10.85
N HIS B 226 0.62 -29.23 -10.18
CA HIS B 226 -0.24 -29.82 -9.16
C HIS B 226 0.50 -29.86 -7.84
N VAL B 227 -0.08 -29.24 -6.83
CA VAL B 227 0.45 -29.34 -5.47
CA VAL B 227 0.44 -29.29 -5.45
C VAL B 227 -0.73 -29.54 -4.53
N GLY B 228 -0.71 -30.65 -3.80
CA GLY B 228 -1.75 -30.96 -2.83
C GLY B 228 -3.14 -30.86 -3.43
N ASP B 229 -3.94 -29.96 -2.87
CA ASP B 229 -5.35 -29.80 -3.24
C ASP B 229 -5.56 -28.86 -4.42
N PHE B 230 -4.48 -28.46 -5.10
CA PHE B 230 -4.56 -27.42 -6.11
C PHE B 230 -3.98 -27.86 -7.44
N ILE B 231 -4.69 -27.55 -8.53
CA ILE B 231 -4.21 -27.85 -9.87
C ILE B 231 -4.37 -26.62 -10.74
N PHE B 232 -3.23 -26.11 -11.19
CA PHE B 232 -3.17 -24.96 -12.08
C PHE B 232 -2.87 -25.39 -13.51
N THR B 233 -3.63 -24.90 -14.47
CA THR B 233 -3.36 -25.18 -15.88
C THR B 233 -3.34 -23.87 -16.66
N SER B 234 -2.35 -23.73 -17.53
CA SER B 234 -2.23 -22.54 -18.38
C SER B 234 -1.89 -22.89 -19.80
N LYS B 235 -2.37 -22.08 -20.74
CA LYS B 235 -1.86 -22.10 -22.11
C LYS B 235 -0.41 -21.60 -22.09
N LEU B 236 0.35 -22.06 -23.07
CA LEU B 236 1.69 -21.55 -23.27
C LEU B 236 1.66 -20.45 -24.31
N VAL B 237 2.72 -19.66 -24.35
CA VAL B 237 2.83 -18.64 -25.38
C VAL B 237 3.43 -19.31 -26.61
N ASP B 238 2.67 -19.29 -27.72
CA ASP B 238 3.08 -19.93 -28.96
C ASP B 238 4.02 -18.98 -29.72
N GLY B 239 5.28 -18.99 -29.32
CA GLY B 239 6.30 -18.16 -29.95
C GLY B 239 7.70 -18.71 -29.73
N ARG B 240 8.69 -18.03 -30.31
CA ARG B 240 10.09 -18.40 -30.15
C ARG B 240 10.76 -17.43 -29.18
N PHE B 241 11.49 -17.98 -28.20
CA PHE B 241 12.17 -17.20 -27.17
C PHE B 241 13.65 -17.03 -27.52
N PRO B 242 14.27 -15.90 -27.12
CA PRO B 242 15.71 -15.74 -27.37
C PRO B 242 16.63 -16.72 -26.62
N ASP B 243 17.84 -16.93 -27.15
CA ASP B 243 18.82 -17.83 -26.54
C ASP B 243 19.70 -17.10 -25.52
N TYR B 244 19.49 -17.38 -24.23
CA TYR B 244 20.22 -16.69 -23.16
C TYR B 244 21.74 -16.87 -23.27
N ARG B 245 22.19 -17.98 -23.86
CA ARG B 245 23.62 -18.23 -24.00
C ARG B 245 24.30 -17.21 -24.88
N ARG B 246 23.54 -16.62 -25.81
CA ARG B 246 24.07 -15.58 -26.71
C ARG B 246 24.08 -14.21 -26.05
N VAL B 247 23.34 -14.07 -24.94
CA VAL B 247 23.24 -12.81 -24.21
C VAL B 247 24.31 -12.70 -23.13
N LEU B 248 24.60 -13.80 -22.46
CA LEU B 248 25.64 -13.79 -21.43
C LEU B 248 26.94 -13.28 -22.04
N PRO B 249 27.61 -12.31 -21.37
CA PRO B 249 28.88 -11.86 -21.93
C PRO B 249 29.89 -13.01 -21.93
N LYS B 250 30.56 -13.21 -23.06
CA LYS B 250 31.48 -14.35 -23.22
C LYS B 250 32.74 -14.14 -22.39
N ASN B 251 32.99 -15.07 -21.47
CA ASN B 251 34.23 -15.09 -20.68
C ASN B 251 34.70 -13.72 -20.18
N PRO B 252 33.90 -13.05 -19.33
CA PRO B 252 34.35 -11.79 -18.75
C PRO B 252 35.66 -11.99 -17.99
N ASP B 253 36.61 -11.09 -18.16
CA ASP B 253 37.95 -11.28 -17.58
C ASP B 253 38.16 -10.58 -16.24
N LYS B 254 37.23 -9.71 -15.86
CA LYS B 254 37.37 -8.93 -14.65
C LYS B 254 36.23 -9.26 -13.69
N HIS B 255 36.56 -9.34 -12.40
CA HIS B 255 35.60 -9.73 -11.38
C HIS B 255 35.77 -8.87 -10.13
N LEU B 256 34.72 -8.11 -9.80
CA LEU B 256 34.66 -7.31 -8.57
CA LEU B 256 34.71 -7.36 -8.55
C LEU B 256 33.68 -7.97 -7.61
N GLU B 257 34.00 -7.98 -6.32
CA GLU B 257 33.11 -8.50 -5.30
CA GLU B 257 33.11 -8.50 -5.30
C GLU B 257 32.89 -7.45 -4.21
N ALA B 258 31.63 -7.26 -3.80
CA ALA B 258 31.31 -6.27 -2.79
C ALA B 258 30.14 -6.72 -1.94
N GLY B 259 30.03 -6.13 -0.75
CA GLY B 259 28.87 -6.33 0.11
C GLY B 259 27.63 -5.86 -0.65
N CYS B 260 26.60 -6.70 -0.64
CA CYS B 260 25.39 -6.43 -1.42
CA CYS B 260 25.37 -6.47 -1.39
C CYS B 260 24.66 -5.19 -0.92
N ASP B 261 24.47 -5.08 0.39
CA ASP B 261 23.76 -3.94 0.95
C ASP B 261 24.55 -2.64 0.78
N LEU B 262 25.85 -2.68 1.02
CA LEU B 262 26.68 -1.48 0.84
C LEU B 262 26.63 -1.02 -0.62
N LEU B 263 26.73 -1.95 -1.56
CA LEU B 263 26.70 -1.60 -2.99
C LEU B 263 25.34 -1.05 -3.38
N LYS B 264 24.29 -1.72 -2.92
CA LYS B 264 22.92 -1.29 -3.19
C LYS B 264 22.66 0.12 -2.66
N GLN B 265 23.10 0.40 -1.44
CA GLN B 265 22.83 1.71 -0.85
C GLN B 265 23.62 2.81 -1.57
N ALA B 266 24.83 2.51 -2.04
CA ALA B 266 25.61 3.45 -2.84
C ALA B 266 24.93 3.76 -4.17
N PHE B 267 24.50 2.73 -4.88
CA PHE B 267 23.74 2.95 -6.12
C PHE B 267 22.44 3.71 -5.87
N ALA B 268 21.74 3.39 -4.79
CA ALA B 268 20.46 4.01 -4.51
C ALA B 268 20.61 5.52 -4.25
N ARG B 269 21.65 5.90 -3.51
CA ARG B 269 21.94 7.32 -3.30
C ARG B 269 22.37 7.99 -4.60
N ALA B 270 23.26 7.35 -5.35
CA ALA B 270 23.72 7.96 -6.60
C ALA B 270 22.56 8.16 -7.59
N ALA B 271 21.64 7.19 -7.62
CA ALA B 271 20.47 7.22 -8.51
C ALA B 271 19.62 8.47 -8.34
N ILE B 272 19.64 9.05 -7.15
CA ILE B 272 18.86 10.25 -6.88
C ILE B 272 19.21 11.36 -7.86
N LEU B 273 20.46 11.44 -8.27
CA LEU B 273 20.90 12.52 -9.17
C LEU B 273 21.20 12.02 -10.58
N SER B 274 20.61 10.88 -10.95
CA SER B 274 20.69 10.37 -12.31
C SER B 274 19.51 10.88 -13.13
N ASN B 275 19.67 10.77 -14.45
CA ASN B 275 18.61 11.14 -15.38
C ASN B 275 17.35 10.33 -15.07
N GLU B 276 16.23 11.03 -14.90
CA GLU B 276 14.98 10.38 -14.50
C GLU B 276 14.42 9.40 -15.52
N LYS B 277 14.73 9.61 -16.80
CA LYS B 277 14.23 8.76 -17.88
C LYS B 277 15.20 7.62 -18.20
N PHE B 278 16.49 7.93 -18.26
CA PHE B 278 17.47 6.96 -18.76
C PHE B 278 18.39 6.39 -17.68
N ARG B 279 18.45 7.06 -16.52
CA ARG B 279 18.97 6.45 -15.28
C ARG B 279 20.43 5.97 -15.32
N GLY B 280 21.23 6.60 -16.18
CA GLY B 280 22.63 6.21 -16.32
C GLY B 280 23.51 6.62 -15.16
N VAL B 281 24.27 5.67 -14.64
CA VAL B 281 25.36 5.93 -13.69
C VAL B 281 26.65 5.33 -14.23
N ARG B 282 27.78 5.90 -13.81
CA ARG B 282 29.09 5.46 -14.27
CA ARG B 282 29.08 5.44 -14.28
C ARG B 282 29.88 4.82 -13.13
N LEU B 283 30.60 3.76 -13.44
CA LEU B 283 31.49 3.09 -12.50
C LEU B 283 32.92 3.30 -12.97
N TYR B 284 33.80 3.58 -12.03
CA TYR B 284 35.23 3.58 -12.25
C TYR B 284 35.80 2.55 -11.29
N VAL B 285 36.38 1.48 -11.82
CA VAL B 285 36.92 0.41 -11.00
C VAL B 285 38.45 0.48 -10.99
N SER B 286 39.03 0.39 -9.81
CA SER B 286 40.48 0.39 -9.62
C SER B 286 40.80 -0.56 -8.47
N GLU B 287 42.08 -0.74 -8.15
CA GLU B 287 42.45 -1.74 -7.15
C GLU B 287 41.64 -1.60 -5.85
N ASN B 288 40.87 -2.65 -5.55
CA ASN B 288 40.02 -2.72 -4.36
C ASN B 288 39.15 -1.50 -4.09
N GLN B 289 38.75 -0.80 -5.15
CA GLN B 289 37.94 0.40 -5.00
C GLN B 289 36.96 0.57 -6.15
N LEU B 290 35.74 1.00 -5.81
CA LEU B 290 34.74 1.36 -6.81
C LEU B 290 34.31 2.81 -6.57
N LYS B 291 34.22 3.58 -7.66
CA LYS B 291 33.61 4.90 -7.62
C LYS B 291 32.39 4.90 -8.53
N ILE B 292 31.26 5.33 -8.00
CA ILE B 292 30.02 5.46 -8.76
C ILE B 292 29.73 6.94 -8.90
N THR B 293 29.42 7.39 -10.13
CA THR B 293 28.98 8.77 -10.34
C THR B 293 27.65 8.83 -11.07
N ALA B 294 26.91 9.91 -10.85
CA ALA B 294 25.66 10.18 -11.52
C ALA B 294 25.53 11.68 -11.76
N ASN B 295 24.96 12.04 -12.90
CA ASN B 295 24.54 13.43 -13.09
C ASN B 295 23.27 13.47 -13.92
N ASN B 296 22.63 14.63 -13.93
CA ASN B 296 21.35 14.80 -14.56
C ASN B 296 21.35 16.07 -15.42
N PRO B 297 20.25 16.32 -16.15
CA PRO B 297 20.27 17.49 -17.04
C PRO B 297 20.39 18.82 -16.32
N GLU B 298 20.04 18.87 -15.04
CA GLU B 298 20.17 20.08 -14.24
C GLU B 298 21.61 20.24 -13.69
N GLN B 299 22.50 19.32 -14.06
CA GLN B 299 23.93 19.39 -13.74
C GLN B 299 24.21 19.16 -12.26
N GLU B 300 23.29 18.48 -11.60
CA GLU B 300 23.52 17.98 -10.25
C GLU B 300 24.38 16.73 -10.37
N GLU B 301 25.16 16.43 -9.34
CA GLU B 301 26.16 15.36 -9.41
C GLU B 301 26.25 14.58 -8.11
N ALA B 302 26.35 13.25 -8.21
CA ALA B 302 26.57 12.38 -7.06
C ALA B 302 27.85 11.56 -7.26
N GLU B 303 28.54 11.26 -6.17
CA GLU B 303 29.72 10.41 -6.21
C GLU B 303 29.76 9.55 -4.97
N GLU B 304 30.03 8.26 -5.16
CA GLU B 304 30.14 7.30 -4.06
C GLU B 304 31.44 6.54 -4.27
N ILE B 305 32.26 6.45 -3.23
CA ILE B 305 33.45 5.61 -3.27
C ILE B 305 33.29 4.56 -2.20
N LEU B 306 33.57 3.31 -2.54
CA LEU B 306 33.57 2.26 -1.54
C LEU B 306 34.68 1.24 -1.79
N ASP B 307 35.11 0.59 -0.71
CA ASP B 307 36.04 -0.51 -0.80
C ASP B 307 35.34 -1.72 -1.39
N VAL B 308 36.02 -2.40 -2.31
CA VAL B 308 35.55 -3.66 -2.86
C VAL B 308 36.75 -4.57 -2.98
N THR B 309 36.51 -5.81 -3.43
CA THR B 309 37.61 -6.71 -3.77
C THR B 309 37.75 -6.70 -5.29
N TYR B 310 38.85 -6.14 -5.76
CA TYR B 310 39.14 -6.05 -7.19
C TYR B 310 40.64 -5.92 -7.43
N SER B 311 41.17 -6.77 -8.31
CA SER B 311 42.61 -6.75 -8.62
CA SER B 311 42.60 -6.81 -8.61
C SER B 311 42.89 -6.78 -10.12
N GLY B 312 41.88 -6.43 -10.91
CA GLY B 312 42.02 -6.39 -12.35
C GLY B 312 42.52 -5.04 -12.84
N ALA B 313 42.56 -4.89 -14.16
CA ALA B 313 42.94 -3.63 -14.78
C ALA B 313 41.87 -2.57 -14.48
N GLU B 314 42.30 -1.32 -14.46
CA GLU B 314 41.37 -0.22 -14.26
C GLU B 314 40.47 -0.12 -15.48
N MET B 315 39.19 0.16 -15.26
CA MET B 315 38.26 0.38 -16.35
C MET B 315 37.02 1.15 -15.88
N GLU B 316 36.24 1.61 -16.85
CA GLU B 316 35.02 2.35 -16.58
C GLU B 316 33.88 1.73 -17.36
N ILE B 317 32.68 1.86 -16.82
CA ILE B 317 31.49 1.38 -17.51
C ILE B 317 30.28 2.12 -16.99
N GLY B 318 29.32 2.37 -17.87
CA GLY B 318 28.04 2.96 -17.49
C GLY B 318 26.91 1.97 -17.61
N PHE B 319 25.89 2.11 -16.77
CA PHE B 319 24.67 1.32 -16.96
C PHE B 319 23.45 1.97 -16.31
N ASN B 320 22.30 1.40 -16.62
CA ASN B 320 21.03 1.85 -16.08
C ASN B 320 20.91 1.40 -14.62
N VAL B 321 20.86 2.37 -13.71
CA VAL B 321 20.92 2.05 -12.29
C VAL B 321 19.64 1.40 -11.78
N SER B 322 18.51 1.65 -12.45
CA SER B 322 17.26 0.97 -12.08
C SER B 322 17.40 -0.55 -12.30
N TYR B 323 17.99 -0.93 -13.42
CA TYR B 323 18.18 -2.35 -13.71
C TYR B 323 19.15 -3.01 -12.74
N VAL B 324 20.20 -2.31 -12.35
CA VAL B 324 21.15 -2.85 -11.39
C VAL B 324 20.53 -2.96 -10.01
N LEU B 325 19.80 -1.94 -9.59
CA LEU B 325 19.09 -2.00 -8.30
C LEU B 325 18.10 -3.16 -8.27
N ASP B 326 17.37 -3.38 -9.38
CA ASP B 326 16.46 -4.53 -9.48
C ASP B 326 17.19 -5.84 -9.21
N VAL B 327 18.39 -5.99 -9.76
CA VAL B 327 19.18 -7.20 -9.55
C VAL B 327 19.59 -7.34 -8.08
N LEU B 328 20.11 -6.28 -7.50
CA LEU B 328 20.56 -6.34 -6.11
C LEU B 328 19.41 -6.63 -5.17
N ASN B 329 18.24 -6.09 -5.45
CA ASN B 329 17.06 -6.35 -4.63
C ASN B 329 16.56 -7.79 -4.78
N ALA B 330 16.72 -8.37 -5.96
CA ALA B 330 16.34 -9.76 -6.20
C ALA B 330 17.32 -10.73 -5.53
N LEU B 331 18.60 -10.38 -5.50
CA LEU B 331 19.62 -11.26 -4.95
C LEU B 331 19.52 -11.42 -3.42
N LYS B 332 19.17 -10.36 -2.72
CA LYS B 332 19.13 -10.37 -1.25
C LYS B 332 20.38 -11.03 -0.66
N CYS B 333 21.54 -10.72 -1.24
N CYS B 333 21.52 -10.62 -1.21
CA CYS B 333 22.77 -11.45 -0.93
CA CYS B 333 22.83 -11.24 -0.99
C CYS B 333 23.59 -10.80 0.17
C CYS B 333 23.56 -10.78 0.26
N GLU B 334 24.55 -11.56 0.69
CA GLU B 334 25.55 -11.05 1.62
C GLU B 334 26.60 -10.33 0.79
N ASN B 335 27.10 -11.04 -0.23
CA ASN B 335 28.10 -10.50 -1.16
C ASN B 335 27.71 -10.74 -2.61
N VAL B 336 28.07 -9.81 -3.49
CA VAL B 336 27.70 -9.85 -4.91
C VAL B 336 28.96 -9.85 -5.76
N ARG B 337 28.93 -10.59 -6.88
CA ARG B 337 30.00 -10.51 -7.89
C ARG B 337 29.51 -9.83 -9.16
N MET B 338 30.26 -8.84 -9.63
CA MET B 338 30.01 -8.20 -10.93
C MET B 338 31.14 -8.62 -11.86
N MET B 339 30.76 -9.26 -12.97
CA MET B 339 31.71 -9.78 -13.95
C MET B 339 31.78 -8.83 -15.12
N LEU B 340 32.94 -8.18 -15.26
CA LEU B 340 33.13 -7.07 -16.19
C LEU B 340 34.08 -7.42 -17.31
N THR B 341 33.96 -6.74 -18.43
CA THR B 341 34.83 -6.95 -19.58
C THR B 341 35.46 -5.62 -19.99
N ASP B 342 34.61 -4.70 -20.43
CA ASP B 342 35.05 -3.35 -20.80
C ASP B 342 33.84 -2.41 -20.87
N SER B 343 34.09 -1.17 -21.26
CA SER B 343 33.05 -0.13 -21.30
C SER B 343 32.01 -0.31 -22.40
N VAL B 344 32.24 -1.25 -23.32
CA VAL B 344 31.32 -1.46 -24.43
C VAL B 344 30.68 -2.85 -24.42
N SER B 345 30.77 -3.53 -23.29
CA SER B 345 30.23 -4.87 -23.14
C SER B 345 29.24 -4.94 -21.97
N SER B 346 28.33 -5.90 -22.02
CA SER B 346 27.43 -6.13 -20.90
C SER B 346 28.17 -6.57 -19.65
N VAL B 347 27.46 -6.46 -18.52
CA VAL B 347 27.92 -6.94 -17.21
C VAL B 347 27.06 -8.11 -16.79
N GLN B 348 27.68 -9.09 -16.15
CA GLN B 348 26.96 -10.21 -15.54
C GLN B 348 27.10 -10.11 -14.02
N ILE B 349 25.97 -10.20 -13.33
CA ILE B 349 25.95 -10.05 -11.88
C ILE B 349 25.41 -11.33 -11.27
N GLU B 350 26.04 -11.78 -10.20
CA GLU B 350 25.62 -12.97 -9.46
C GLU B 350 25.81 -12.79 -7.96
N ASP B 351 25.17 -13.64 -7.19
CA ASP B 351 25.52 -13.79 -5.79
C ASP B 351 26.97 -14.30 -5.77
N ALA B 352 27.80 -13.71 -4.93
CA ALA B 352 29.20 -14.12 -4.86
C ALA B 352 29.35 -15.60 -4.50
N ALA B 353 28.38 -16.12 -3.75
CA ALA B 353 28.40 -17.48 -3.24
C ALA B 353 27.42 -18.45 -3.93
N SER B 354 26.95 -18.09 -5.11
CA SER B 354 26.10 -19.00 -5.89
C SER B 354 26.08 -18.64 -7.36
N GLN B 355 26.34 -19.63 -8.21
CA GLN B 355 26.25 -19.45 -9.65
C GLN B 355 24.85 -19.78 -10.19
N SER B 356 23.93 -20.18 -9.31
CA SER B 356 22.57 -20.59 -9.71
C SER B 356 21.86 -19.53 -10.54
N ALA B 357 21.93 -18.27 -10.11
CA ALA B 357 21.26 -17.17 -10.82
C ALA B 357 22.27 -16.20 -11.43
N ALA B 358 21.97 -15.69 -12.61
CA ALA B 358 22.82 -14.68 -13.26
C ALA B 358 21.96 -13.64 -13.93
N TYR B 359 22.47 -12.40 -13.96
CA TYR B 359 21.73 -11.27 -14.47
C TYR B 359 22.63 -10.51 -15.42
N VAL B 360 22.06 -10.09 -16.55
CA VAL B 360 22.81 -9.34 -17.56
C VAL B 360 22.18 -7.96 -17.76
N VAL B 361 23.03 -6.93 -17.70
CA VAL B 361 22.64 -5.56 -17.93
C VAL B 361 23.60 -5.01 -18.98
N MET B 362 23.07 -4.19 -19.89
CA MET B 362 23.84 -3.65 -21.00
C MET B 362 24.67 -2.45 -20.59
N PRO B 363 25.72 -2.12 -21.35
CA PRO B 363 26.48 -0.92 -21.07
C PRO B 363 25.79 0.33 -21.59
N MET B 364 26.02 1.45 -20.90
CA MET B 364 25.61 2.76 -21.38
C MET B 364 26.85 3.61 -21.57
N ARG B 365 26.86 4.39 -22.65
CA ARG B 365 27.89 5.39 -22.90
C ARG B 365 27.38 6.72 -22.34
N LEU B 366 28.02 7.20 -21.29
CA LEU B 366 27.60 8.40 -20.60
C LEU B 366 28.61 9.54 -20.72
#